data_3WGD
#
_entry.id   3WGD
#
_cell.length_a   50.440
_cell.length_b   94.680
_cell.length_c   142.020
_cell.angle_alpha   90.00
_cell.angle_beta   90.85
_cell.angle_gamma   90.00
#
_symmetry.space_group_name_H-M   'P 1 21 1'
#
loop_
_entity.id
_entity.type
_entity.pdbx_description
1 polymer 'Thioredoxin domain-containing protein 5'
2 non-polymer 'PHOSPHATE ION'
3 non-polymer GLYCEROL
4 non-polymer 'POTASSIUM ION'
5 water water
#
_entity_poly.entity_id   1
_entity_poly.type   'polypeptide(L)'
_entity_poly.pdbx_seq_one_letter_code
;GSHMSKHLYTADMFTHGIQSAAHFVMFFAPWCGHCQRLQPTWNDLGDKYNSMEDAKVYVAKVDCTAHSDVCSAQGVRGYP
TLKLFKPGQEAVKYQGPRDFQTLENWMLQTLNE
;
_entity_poly.pdbx_strand_id   A,B,C,D,E,F,G,H,I
#
loop_
_chem_comp.id
_chem_comp.type
_chem_comp.name
_chem_comp.formula
GOL non-polymer GLYCEROL 'C3 H8 O3'
K non-polymer 'POTASSIUM ION' 'K 1'
PO4 non-polymer 'PHOSPHATE ION' 'O4 P -3'
#
# COMPACT_ATOMS: atom_id res chain seq x y z
N HIS A 3 8.38 -1.59 -16.92
CA HIS A 3 7.41 -0.59 -17.38
C HIS A 3 8.06 0.79 -17.48
N MET A 4 9.04 1.04 -16.63
CA MET A 4 9.75 2.32 -16.64
C MET A 4 10.95 2.28 -17.58
N SER A 5 11.25 1.09 -18.09
CA SER A 5 12.39 0.88 -18.99
C SER A 5 12.12 1.50 -20.34
N LYS A 6 10.85 1.59 -20.71
CA LYS A 6 10.46 2.05 -22.04
C LYS A 6 10.69 3.54 -22.22
N HIS A 7 11.21 3.91 -23.38
CA HIS A 7 11.43 5.31 -23.75
C HIS A 7 12.44 6.04 -22.86
N LEU A 8 13.31 5.28 -22.19
CA LEU A 8 14.39 5.87 -21.41
C LEU A 8 15.46 6.49 -22.30
N TYR A 9 15.91 7.69 -21.95
CA TYR A 9 17.00 8.34 -22.65
C TYR A 9 18.28 8.31 -21.83
N THR A 10 19.41 8.21 -22.52
CA THR A 10 20.69 8.45 -21.87
C THR A 10 20.85 9.95 -21.71
N ALA A 11 21.88 10.36 -20.97
CA ALA A 11 22.17 11.79 -20.85
C ALA A 11 22.50 12.37 -22.21
N ASP A 12 23.31 11.63 -22.97
CA ASP A 12 23.72 12.08 -24.30
C ASP A 12 22.54 12.19 -25.26
N MET A 13 21.61 11.23 -25.18
CA MET A 13 20.41 11.27 -26.02
C MET A 13 19.53 12.47 -25.68
N PHE A 14 19.50 12.84 -24.40
CA PHE A 14 18.70 13.98 -23.96
C PHE A 14 19.26 15.28 -24.52
N THR A 15 20.56 15.49 -24.30
CA THR A 15 21.25 16.72 -24.71
C THR A 15 21.07 17.02 -26.19
N HIS A 16 21.23 15.99 -27.02
CA HIS A 16 21.14 16.16 -28.46
C HIS A 16 19.70 16.16 -28.96
N GLY A 17 18.85 15.38 -28.30
CA GLY A 17 17.46 15.23 -28.69
C GLY A 17 16.67 16.52 -28.59
N ILE A 18 16.84 17.21 -27.48
CA ILE A 18 16.11 18.45 -27.24
C ILE A 18 16.56 19.59 -28.15
N GLN A 19 17.65 19.37 -28.89
CA GLN A 19 18.13 20.38 -29.82
C GLN A 19 17.78 19.99 -31.26
N SER A 20 17.33 18.74 -31.43
CA SER A 20 16.99 18.24 -32.76
C SER A 20 15.48 18.27 -33.02
N ALA A 21 14.69 18.05 -31.98
CA ALA A 21 13.24 18.00 -32.14
C ALA A 21 12.51 18.23 -30.81
N ALA A 22 11.24 18.61 -30.90
CA ALA A 22 10.43 18.80 -29.70
C ALA A 22 10.34 17.55 -28.86
N HIS A 23 10.55 17.69 -27.56
CA HIS A 23 10.49 16.56 -26.64
C HIS A 23 9.64 16.87 -25.42
N PHE A 24 8.69 15.98 -25.12
CA PHE A 24 7.97 16.01 -23.85
C PHE A 24 8.69 15.01 -22.95
N VAL A 25 9.43 15.52 -21.97
CA VAL A 25 10.29 14.65 -21.17
C VAL A 25 9.85 14.49 -19.72
N MET A 26 9.76 13.24 -19.28
CA MET A 26 9.43 12.92 -17.90
C MET A 26 10.69 12.65 -17.09
N PHE A 27 11.00 13.55 -16.16
CA PHE A 27 12.08 13.33 -15.22
C PHE A 27 11.52 12.64 -13.98
N PHE A 28 12.01 11.44 -13.69
CA PHE A 28 11.40 10.62 -12.64
C PHE A 28 12.41 9.92 -11.74
N ALA A 29 11.88 9.20 -10.76
CA ALA A 29 12.68 8.33 -9.90
C ALA A 29 11.89 7.06 -9.63
N PRO A 30 12.59 5.92 -9.56
CA PRO A 30 11.94 4.63 -9.29
C PRO A 30 11.17 4.62 -7.97
N TRP A 31 11.60 5.40 -6.98
CA TRP A 31 10.91 5.43 -5.68
C TRP A 31 9.72 6.38 -5.66
N CYS A 32 9.55 7.16 -6.72
CA CYS A 32 8.45 8.09 -6.82
C CYS A 32 7.14 7.37 -7.13
N GLY A 33 6.23 7.38 -6.16
CA GLY A 33 4.95 6.71 -6.28
C GLY A 33 4.07 7.27 -7.40
N HIS A 34 4.08 8.58 -7.57
CA HIS A 34 3.35 9.22 -8.66
C HIS A 34 3.98 8.88 -10.00
N CYS A 35 5.30 8.78 -10.02
CA CYS A 35 6.04 8.44 -11.23
C CYS A 35 5.68 7.02 -11.69
N GLN A 36 5.50 6.13 -10.73
CA GLN A 36 5.13 4.74 -11.02
C GLN A 36 3.76 4.65 -11.70
N ARG A 37 2.78 5.33 -11.12
CA ARG A 37 1.42 5.30 -11.63
C ARG A 37 1.31 5.98 -12.99
N LEU A 38 2.28 6.84 -13.30
CA LEU A 38 2.26 7.59 -14.55
C LEU A 38 2.92 6.81 -15.71
N GLN A 39 3.76 5.84 -15.37
CA GLN A 39 4.51 5.07 -16.36
C GLN A 39 3.68 4.50 -17.53
N PRO A 40 2.53 3.83 -17.23
CA PRO A 40 1.77 3.27 -18.36
C PRO A 40 1.20 4.34 -19.30
N THR A 41 0.77 5.46 -18.74
CA THR A 41 0.24 6.55 -19.56
C THR A 41 1.32 7.14 -20.44
N TRP A 42 2.51 7.33 -19.85
CA TRP A 42 3.63 7.90 -20.58
C TRP A 42 4.12 6.94 -21.66
N ASN A 43 3.99 5.65 -21.42
CA ASN A 43 4.35 4.65 -22.43
C ASN A 43 3.39 4.70 -23.62
N ASP A 44 2.11 4.89 -23.36
CA ASP A 44 1.11 5.04 -24.42
C ASP A 44 1.41 6.27 -25.26
N LEU A 45 1.73 7.38 -24.60
CA LEU A 45 2.08 8.63 -25.28
C LEU A 45 3.28 8.41 -26.18
N GLY A 46 4.27 7.68 -25.69
CA GLY A 46 5.47 7.40 -26.44
C GLY A 46 5.21 6.45 -27.59
N ASP A 47 4.39 5.43 -27.34
CA ASP A 47 4.08 4.44 -28.37
C ASP A 47 3.34 5.08 -29.54
N LYS A 48 2.49 6.06 -29.24
CA LYS A 48 1.71 6.71 -30.28
C LYS A 48 2.54 7.69 -31.10
N TYR A 49 3.40 8.45 -30.42
CA TYR A 49 4.09 9.56 -31.07
C TYR A 49 5.53 9.30 -31.55
N ASN A 50 6.28 8.49 -30.81
CA ASN A 50 7.69 8.29 -31.14
C ASN A 50 7.94 7.56 -32.45
N SER A 51 6.92 6.83 -32.92
CA SER A 51 7.08 5.98 -34.10
C SER A 51 6.50 6.62 -35.36
N MET A 52 5.73 7.70 -35.17
CA MET A 52 5.11 8.40 -36.29
C MET A 52 6.13 8.81 -37.36
N GLU A 53 5.72 8.72 -38.61
CA GLU A 53 6.57 9.18 -39.70
C GLU A 53 6.52 10.70 -39.74
N ASP A 54 7.69 11.32 -39.87
CA ASP A 54 7.82 12.78 -39.85
C ASP A 54 7.31 13.34 -38.52
N ALA A 55 7.75 12.74 -37.43
CA ALA A 55 7.30 13.12 -36.09
C ALA A 55 7.71 14.54 -35.71
N LYS A 56 6.77 15.30 -35.17
CA LYS A 56 7.04 16.67 -34.75
C LYS A 56 7.36 16.73 -33.26
N VAL A 57 7.03 15.67 -32.55
CA VAL A 57 7.27 15.61 -31.11
C VAL A 57 7.70 14.20 -30.71
N TYR A 58 8.53 14.10 -29.67
CA TYR A 58 8.98 12.82 -29.15
C TYR A 58 8.73 12.77 -27.66
N VAL A 59 8.41 11.57 -27.16
CA VAL A 59 8.10 11.38 -25.75
C VAL A 59 9.15 10.50 -25.07
N ALA A 60 9.80 11.02 -24.04
CA ALA A 60 10.95 10.36 -23.45
C ALA A 60 10.96 10.44 -21.92
N LYS A 61 11.88 9.71 -21.32
CA LYS A 61 12.06 9.70 -19.87
C LYS A 61 13.53 9.90 -19.52
N VAL A 62 13.79 10.57 -18.41
CA VAL A 62 15.14 10.65 -17.85
C VAL A 62 15.14 10.22 -16.39
N ASP A 63 15.70 9.05 -16.12
CA ASP A 63 15.81 8.54 -14.75
C ASP A 63 16.82 9.36 -13.94
N CYS A 64 16.32 10.16 -13.00
CA CYS A 64 17.18 11.04 -12.21
C CYS A 64 18.21 10.28 -11.39
N THR A 65 17.88 9.07 -10.97
CA THR A 65 18.84 8.27 -10.20
C THR A 65 19.97 7.76 -11.10
N ALA A 66 19.73 7.79 -12.40
CA ALA A 66 20.74 7.41 -13.39
C ALA A 66 21.49 8.64 -13.90
N HIS A 67 20.81 9.78 -13.91
CA HIS A 67 21.41 11.01 -14.43
C HIS A 67 21.11 12.22 -13.55
N SER A 68 21.65 12.20 -12.33
CA SER A 68 21.43 13.27 -11.36
C SER A 68 21.94 14.61 -11.90
N ASP A 69 23.01 14.56 -12.67
CA ASP A 69 23.59 15.76 -13.28
C ASP A 69 22.64 16.42 -14.27
N VAL A 70 21.88 15.62 -15.01
CA VAL A 70 20.91 16.13 -15.96
C VAL A 70 19.74 16.80 -15.24
N CYS A 71 19.21 16.12 -14.22
CA CYS A 71 18.08 16.63 -13.47
C CYS A 71 18.44 17.90 -12.71
N SER A 72 19.67 17.95 -12.22
CA SER A 72 20.16 19.14 -11.55
C SER A 72 20.19 20.32 -12.52
N ALA A 73 20.69 20.05 -13.74
CA ALA A 73 20.83 21.08 -14.75
C ALA A 73 19.47 21.56 -15.27
N GLN A 74 18.46 20.70 -15.17
CA GLN A 74 17.12 21.07 -15.62
C GLN A 74 16.29 21.68 -14.50
N GLY A 75 16.92 21.94 -13.36
CA GLY A 75 16.25 22.55 -12.22
C GLY A 75 15.05 21.77 -11.75
N VAL A 76 15.15 20.45 -11.74
CA VAL A 76 14.04 19.59 -11.35
C VAL A 76 13.67 19.77 -9.88
N ARG A 77 12.39 20.03 -9.63
CA ARG A 77 11.86 20.16 -8.27
C ARG A 77 10.66 19.24 -8.12
N GLY A 78 10.81 18.16 -7.36
CA GLY A 78 9.71 17.22 -7.17
C GLY A 78 9.55 16.26 -8.33
N TYR A 79 8.82 15.18 -8.10
CA TYR A 79 8.75 14.09 -9.07
C TYR A 79 7.32 13.56 -9.21
N PRO A 80 6.89 13.31 -10.45
CA PRO A 80 7.71 13.53 -11.65
C PRO A 80 7.69 14.99 -12.09
N THR A 81 8.66 15.38 -12.89
CA THR A 81 8.66 16.71 -13.50
C THR A 81 8.49 16.55 -15.01
N LEU A 82 7.47 17.21 -15.55
CA LEU A 82 7.14 17.10 -16.97
C LEU A 82 7.48 18.38 -17.72
N LYS A 83 8.45 18.29 -18.62
CA LYS A 83 8.90 19.46 -19.38
C LYS A 83 8.78 19.22 -20.88
N LEU A 84 8.30 20.23 -21.60
CA LEU A 84 8.26 20.20 -23.06
C LEU A 84 9.37 21.08 -23.63
N PHE A 85 10.34 20.47 -24.29
CA PHE A 85 11.45 21.20 -24.87
C PHE A 85 11.21 21.47 -26.35
N LYS A 86 11.45 22.69 -26.77
CA LYS A 86 11.36 23.04 -28.18
C LYS A 86 12.67 23.66 -28.65
N PRO A 87 13.28 23.10 -29.70
CA PRO A 87 14.58 23.50 -30.24
C PRO A 87 14.69 25.01 -30.46
N GLY A 88 15.61 25.65 -29.74
CA GLY A 88 15.80 27.08 -29.84
C GLY A 88 15.05 27.83 -28.76
N GLN A 89 13.80 27.42 -28.52
CA GLN A 89 12.94 28.08 -27.55
C GLN A 89 13.23 27.62 -26.13
N GLU A 90 12.52 28.20 -25.17
CA GLU A 90 12.69 27.84 -23.77
C GLU A 90 11.69 26.77 -23.34
N ALA A 91 12.09 25.94 -22.40
CA ALA A 91 11.28 24.79 -21.97
C ALA A 91 10.10 25.22 -21.12
N VAL A 92 9.03 24.43 -21.17
CA VAL A 92 7.83 24.71 -20.40
C VAL A 92 7.48 23.53 -19.50
N LYS A 93 7.45 23.78 -18.19
CA LYS A 93 7.07 22.75 -17.24
C LYS A 93 5.57 22.55 -17.20
N TYR A 94 5.12 21.32 -17.40
CA TYR A 94 3.69 21.04 -17.34
C TYR A 94 3.22 20.92 -15.89
N GLN A 95 2.07 21.52 -15.62
CA GLN A 95 1.42 21.39 -14.33
C GLN A 95 -0.08 21.21 -14.57
N GLY A 96 -0.64 20.13 -14.02
CA GLY A 96 -2.03 19.82 -14.24
C GLY A 96 -2.26 18.32 -14.19
N PRO A 97 -3.52 17.89 -14.43
CA PRO A 97 -3.89 16.48 -14.40
C PRO A 97 -3.03 15.65 -15.34
N ARG A 98 -2.76 14.40 -14.96
CA ARG A 98 -1.83 13.57 -15.72
C ARG A 98 -2.49 12.35 -16.39
N ASP A 99 -3.74 12.51 -16.80
CA ASP A 99 -4.41 11.50 -17.61
C ASP A 99 -4.02 11.67 -19.07
N PHE A 100 -4.20 10.62 -19.87
CA PHE A 100 -3.73 10.62 -21.26
C PHE A 100 -4.29 11.76 -22.10
N GLN A 101 -5.60 11.91 -22.07
CA GLN A 101 -6.29 12.91 -22.90
C GLN A 101 -5.82 14.33 -22.60
N THR A 102 -5.63 14.65 -21.32
CA THR A 102 -5.20 15.97 -20.92
C THR A 102 -3.75 16.22 -21.29
N LEU A 103 -2.90 15.24 -21.04
CA LEU A 103 -1.49 15.33 -21.40
C LEU A 103 -1.32 15.53 -22.90
N GLU A 104 -2.03 14.73 -23.69
CA GLU A 104 -1.94 14.82 -25.15
C GLU A 104 -2.39 16.19 -25.63
N ASN A 105 -3.56 16.62 -25.18
CA ASN A 105 -4.10 17.91 -25.58
C ASN A 105 -3.20 19.10 -25.24
N TRP A 106 -2.61 19.08 -24.05
CA TRP A 106 -1.71 20.15 -23.64
C TRP A 106 -0.43 20.15 -24.48
N MET A 107 0.10 18.95 -24.73
CA MET A 107 1.30 18.81 -25.56
C MET A 107 1.04 19.38 -26.96
N LEU A 108 -0.09 19.01 -27.54
CA LEU A 108 -0.44 19.45 -28.89
C LEU A 108 -0.65 20.96 -28.98
N GLN A 109 -1.37 21.51 -28.01
CA GLN A 109 -1.58 22.95 -27.96
C GLN A 109 -0.27 23.72 -27.78
N THR A 110 0.61 23.19 -26.92
CA THR A 110 1.86 23.87 -26.60
C THR A 110 2.90 23.78 -27.71
N LEU A 111 2.79 22.73 -28.54
CA LEU A 111 3.71 22.56 -29.66
C LEU A 111 3.65 23.71 -30.66
N ASN A 112 2.45 24.07 -31.08
CA ASN A 112 2.28 25.17 -32.03
C ASN A 112 2.02 26.50 -31.34
N GLU A 113 3.04 27.02 -30.67
CA GLU A 113 2.94 28.33 -30.03
C GLU A 113 4.15 29.20 -30.38
N HIS B 3 2.76 -30.27 14.02
CA HIS B 3 1.49 -29.56 14.11
C HIS B 3 1.70 -28.11 14.54
N MET B 4 2.73 -27.90 15.35
CA MET B 4 3.11 -26.55 15.77
C MET B 4 4.21 -26.05 14.84
N SER B 5 4.72 -26.95 14.01
CA SER B 5 5.82 -26.64 13.12
C SER B 5 5.37 -26.19 11.73
N LYS B 6 4.07 -26.31 11.45
CA LYS B 6 3.51 -25.82 10.21
C LYS B 6 3.74 -24.32 10.10
N HIS B 7 4.20 -23.87 8.93
CA HIS B 7 4.43 -22.46 8.65
C HIS B 7 5.47 -21.82 9.57
N LEU B 8 6.43 -22.62 10.04
CA LEU B 8 7.51 -22.09 10.86
C LEU B 8 8.53 -21.37 9.98
N TYR B 9 8.95 -20.19 10.42
CA TYR B 9 9.99 -19.44 9.71
C TYR B 9 11.29 -19.46 10.50
N THR B 10 12.41 -19.46 9.79
CA THR B 10 13.70 -19.20 10.41
C THR B 10 13.81 -17.69 10.64
N ALA B 11 14.86 -17.26 11.33
CA ALA B 11 15.09 -15.82 11.52
C ALA B 11 15.39 -15.18 10.17
N ASP B 12 16.15 -15.88 9.34
CA ASP B 12 16.50 -15.37 8.02
C ASP B 12 15.29 -15.29 7.09
N MET B 13 14.40 -16.28 7.18
CA MET B 13 13.17 -16.29 6.39
C MET B 13 12.27 -15.12 6.78
N PHE B 14 12.33 -14.73 8.04
CA PHE B 14 11.51 -13.63 8.53
C PHE B 14 12.02 -12.29 8.02
N THR B 15 13.34 -12.11 8.11
CA THR B 15 13.98 -10.86 7.73
C THR B 15 13.77 -10.51 6.27
N HIS B 16 13.90 -11.50 5.39
CA HIS B 16 13.71 -11.29 3.96
C HIS B 16 12.25 -11.38 3.55
N GLY B 17 11.49 -12.22 4.26
CA GLY B 17 10.10 -12.48 3.94
C GLY B 17 9.21 -11.27 4.01
N ILE B 18 9.27 -10.54 5.12
CA ILE B 18 8.44 -9.37 5.34
C ILE B 18 8.82 -8.19 4.43
N GLN B 19 9.97 -8.30 3.78
CA GLN B 19 10.39 -7.28 2.83
C GLN B 19 9.94 -7.61 1.41
N SER B 20 9.62 -8.88 1.17
CA SER B 20 9.20 -9.35 -0.14
C SER B 20 7.70 -9.31 -0.31
N ALA B 21 6.99 -9.74 0.71
CA ALA B 21 5.53 -9.84 0.64
C ALA B 21 4.93 -9.58 2.01
N ALA B 22 3.66 -9.19 2.02
CA ALA B 22 2.94 -8.99 3.26
C ALA B 22 2.91 -10.28 4.07
N HIS B 23 3.07 -10.16 5.38
CA HIS B 23 3.10 -11.32 6.26
C HIS B 23 2.28 -11.09 7.54
N PHE B 24 1.40 -12.04 7.85
CA PHE B 24 0.74 -12.03 9.14
C PHE B 24 1.49 -13.03 10.00
N VAL B 25 2.23 -12.52 10.98
CA VAL B 25 3.17 -13.36 11.73
C VAL B 25 2.72 -13.61 13.17
N MET B 26 2.79 -14.87 13.57
CA MET B 26 2.51 -15.26 14.95
C MET B 26 3.80 -15.51 15.72
N PHE B 27 4.12 -14.63 16.66
CA PHE B 27 5.26 -14.83 17.55
C PHE B 27 4.82 -15.66 18.75
N PHE B 28 5.45 -16.80 18.95
CA PHE B 28 4.97 -17.74 19.96
C PHE B 28 6.07 -18.44 20.76
N ALA B 29 5.64 -19.20 21.75
CA ALA B 29 6.54 -20.01 22.55
C ALA B 29 5.86 -21.34 22.84
N PRO B 30 6.65 -22.44 22.87
CA PRO B 30 6.09 -23.78 23.09
C PRO B 30 5.44 -23.93 24.47
N TRP B 31 5.93 -23.20 25.47
CA TRP B 31 5.38 -23.30 26.82
C TRP B 31 4.09 -22.52 27.01
N CYS B 32 3.63 -21.85 25.95
CA CYS B 32 2.46 -20.98 26.06
C CYS B 32 1.15 -21.70 25.68
N GLY B 33 0.19 -21.64 26.59
CA GLY B 33 -1.08 -22.32 26.41
C GLY B 33 -1.96 -21.74 25.32
N HIS B 34 -2.17 -20.43 25.36
CA HIS B 34 -3.01 -19.76 24.37
C HIS B 34 -2.41 -19.93 22.97
N CYS B 35 -1.09 -19.98 22.91
CA CYS B 35 -0.39 -20.22 21.64
C CYS B 35 -0.79 -21.56 21.05
N GLN B 36 -0.80 -22.60 21.88
CA GLN B 36 -1.17 -23.94 21.44
C GLN B 36 -2.62 -23.98 20.97
N ARG B 37 -3.50 -23.31 21.72
CA ARG B 37 -4.92 -23.29 21.38
C ARG B 37 -5.20 -22.48 20.11
N LEU B 38 -4.23 -21.68 19.70
CA LEU B 38 -4.36 -20.86 18.50
C LEU B 38 -3.80 -21.54 17.25
N GLN B 39 -2.88 -22.49 17.46
CA GLN B 39 -2.20 -23.18 16.35
C GLN B 39 -3.08 -23.65 15.19
N PRO B 40 -4.15 -24.43 15.46
CA PRO B 40 -4.93 -24.94 14.33
C PRO B 40 -5.55 -23.82 13.47
N THR B 41 -6.09 -22.80 14.13
CA THR B 41 -6.66 -21.66 13.43
C THR B 41 -5.62 -20.97 12.55
N TRP B 42 -4.42 -20.80 13.10
CA TRP B 42 -3.33 -20.16 12.36
C TRP B 42 -2.89 -21.04 11.18
N ASN B 43 -2.89 -22.35 11.40
CA ASN B 43 -2.55 -23.28 10.33
C ASN B 43 -3.54 -23.23 9.18
N ASP B 44 -4.84 -23.19 9.52
CA ASP B 44 -5.89 -23.08 8.51
C ASP B 44 -5.79 -21.78 7.73
N LEU B 45 -5.36 -20.71 8.41
CA LEU B 45 -5.13 -19.44 7.73
C LEU B 45 -4.01 -19.62 6.72
N GLY B 46 -2.90 -20.18 7.19
CA GLY B 46 -1.74 -20.42 6.34
C GLY B 46 -2.02 -21.41 5.23
N ASP B 47 -2.79 -22.44 5.53
CA ASP B 47 -3.15 -23.42 4.51
C ASP B 47 -3.93 -22.77 3.38
N LYS B 48 -4.82 -21.84 3.73
CA LYS B 48 -5.64 -21.16 2.74
C LYS B 48 -4.83 -20.17 1.90
N TYR B 49 -4.00 -19.38 2.56
CA TYR B 49 -3.36 -18.24 1.89
C TYR B 49 -1.95 -18.48 1.34
N ASN B 50 -1.14 -19.24 2.06
CA ASN B 50 0.26 -19.44 1.66
C ASN B 50 0.43 -20.18 0.34
N SER B 51 -0.57 -20.98 -0.02
CA SER B 51 -0.49 -21.81 -1.21
C SER B 51 -1.17 -21.16 -2.40
N MET B 52 -1.67 -19.94 -2.20
CA MET B 52 -2.47 -19.26 -3.22
C MET B 52 -1.71 -18.95 -4.50
N GLU B 53 -2.48 -18.57 -5.51
CA GLU B 53 -1.97 -18.27 -6.84
C GLU B 53 -1.48 -16.84 -6.87
N ASP B 54 -0.16 -16.68 -6.91
CA ASP B 54 0.48 -15.36 -6.89
C ASP B 54 0.06 -14.59 -5.65
N ALA B 55 0.31 -15.18 -4.49
CA ALA B 55 -0.18 -14.67 -3.21
C ALA B 55 0.27 -13.25 -2.88
N LYS B 56 -0.62 -12.47 -2.27
CA LYS B 56 -0.31 -11.11 -1.84
C LYS B 56 -0.11 -11.02 -0.34
N VAL B 57 -0.33 -12.13 0.35
CA VAL B 57 -0.08 -12.20 1.78
C VAL B 57 0.29 -13.62 2.22
N TYR B 58 1.16 -13.72 3.21
CA TYR B 58 1.56 -15.02 3.74
C TYR B 58 1.32 -15.08 5.24
N VAL B 59 1.05 -16.28 5.73
CA VAL B 59 0.87 -16.50 7.16
C VAL B 59 2.02 -17.36 7.70
N ALA B 60 2.68 -16.87 8.75
CA ALA B 60 3.87 -17.56 9.27
C ALA B 60 3.97 -17.50 10.79
N LYS B 61 4.94 -18.23 11.32
CA LYS B 61 5.18 -18.30 12.76
C LYS B 61 6.65 -18.09 13.09
N VAL B 62 6.92 -17.37 14.17
CA VAL B 62 8.27 -17.29 14.71
C VAL B 62 8.32 -17.84 16.13
N ASP B 63 9.17 -18.83 16.34
CA ASP B 63 9.38 -19.41 17.67
C ASP B 63 10.37 -18.55 18.47
N CYS B 64 9.87 -17.84 19.47
CA CYS B 64 10.69 -16.94 20.27
C CYS B 64 11.82 -17.63 21.02
N THR B 65 11.61 -18.91 21.39
CA THR B 65 12.65 -19.66 22.06
C THR B 65 13.76 -20.04 21.09
N ALA B 66 13.43 -20.06 19.80
CA ALA B 66 14.41 -20.37 18.76
C ALA B 66 15.09 -19.09 18.28
N HIS B 67 14.38 -17.97 18.40
CA HIS B 67 14.87 -16.70 17.89
C HIS B 67 14.50 -15.54 18.80
N SER B 68 15.13 -15.47 19.97
CA SER B 68 14.83 -14.42 20.93
C SER B 68 15.26 -13.04 20.42
N ASP B 69 16.27 -13.02 19.57
CA ASP B 69 16.72 -11.78 18.95
C ASP B 69 15.60 -11.14 18.13
N VAL B 70 14.95 -11.96 17.30
CA VAL B 70 13.87 -11.48 16.45
C VAL B 70 12.71 -10.93 17.27
N CYS B 71 12.30 -11.69 18.28
CA CYS B 71 11.19 -11.29 19.13
C CYS B 71 11.51 -10.03 19.92
N SER B 72 12.77 -9.89 20.30
CA SER B 72 13.22 -8.71 21.04
C SER B 72 13.18 -7.46 20.15
N ALA B 73 13.53 -7.62 18.88
CA ALA B 73 13.56 -6.49 17.95
C ALA B 73 12.15 -6.07 17.56
N GLN B 74 11.24 -7.03 17.53
CA GLN B 74 9.85 -6.76 17.15
C GLN B 74 9.00 -6.36 18.36
N GLY B 75 9.66 -6.15 19.50
CA GLY B 75 9.00 -5.69 20.71
C GLY B 75 7.84 -6.56 21.16
N VAL B 76 8.03 -7.87 21.12
CA VAL B 76 6.99 -8.81 21.53
C VAL B 76 6.62 -8.64 23.01
N ARG B 77 5.32 -8.52 23.27
CA ARG B 77 4.82 -8.41 24.64
C ARG B 77 3.72 -9.43 24.87
N GLY B 78 4.05 -10.52 25.56
CA GLY B 78 3.07 -11.57 25.81
C GLY B 78 2.94 -12.51 24.63
N TYR B 79 2.31 -13.67 24.87
CA TYR B 79 2.23 -14.70 23.86
C TYR B 79 0.83 -15.30 23.79
N PRO B 80 0.29 -15.45 22.58
CA PRO B 80 0.96 -15.10 21.32
C PRO B 80 0.91 -13.61 20.98
N THR B 81 1.87 -13.16 20.19
CA THR B 81 1.85 -11.81 19.64
C THR B 81 1.63 -11.89 18.13
N LEU B 82 0.65 -11.14 17.63
CA LEU B 82 0.29 -11.19 16.22
C LEU B 82 0.55 -9.86 15.53
N LYS B 83 1.46 -9.86 14.55
CA LYS B 83 1.79 -8.63 13.85
C LYS B 83 1.64 -8.80 12.33
N LEU B 84 1.01 -7.81 11.69
CA LEU B 84 0.89 -7.81 10.25
C LEU B 84 1.94 -6.88 9.64
N PHE B 85 2.77 -7.42 8.76
CA PHE B 85 3.81 -6.64 8.11
C PHE B 85 3.47 -6.45 6.63
N LYS B 86 3.69 -5.25 6.12
CA LYS B 86 3.64 -5.03 4.68
C LYS B 86 4.79 -4.14 4.24
N PRO B 87 5.56 -4.60 3.24
CA PRO B 87 6.77 -3.94 2.74
C PRO B 87 6.53 -2.46 2.43
N GLY B 88 7.38 -1.60 2.98
CA GLY B 88 7.28 -0.17 2.74
C GLY B 88 6.40 0.55 3.75
N GLN B 89 5.92 -0.19 4.74
CA GLN B 89 5.08 0.37 5.79
C GLN B 89 5.42 -0.22 7.14
N GLU B 90 4.91 0.38 8.21
CA GLU B 90 5.19 -0.08 9.55
C GLU B 90 4.22 -1.17 9.98
N ALA B 91 4.74 -2.15 10.72
CA ALA B 91 3.94 -3.29 11.16
C ALA B 91 2.77 -2.87 12.05
N VAL B 92 1.78 -3.74 12.16
CA VAL B 92 0.58 -3.47 12.94
C VAL B 92 0.30 -4.60 13.92
N LYS B 93 0.18 -4.26 15.20
CA LYS B 93 -0.20 -5.24 16.23
C LYS B 93 -1.68 -5.54 16.12
N TYR B 94 -2.04 -6.82 16.11
CA TYR B 94 -3.44 -7.20 16.20
C TYR B 94 -3.81 -7.56 17.63
N GLN B 95 -5.00 -7.15 18.07
CA GLN B 95 -5.40 -7.36 19.46
C GLN B 95 -6.89 -7.67 19.63
N GLY B 96 -7.53 -8.16 18.58
CA GLY B 96 -8.94 -8.51 18.67
C GLY B 96 -9.16 -9.99 18.92
N PRO B 97 -10.39 -10.46 18.72
CA PRO B 97 -10.72 -11.89 18.79
C PRO B 97 -9.86 -12.71 17.85
N ARG B 98 -9.73 -14.01 18.11
CA ARG B 98 -8.82 -14.83 17.32
C ARG B 98 -9.45 -16.06 16.68
N ASP B 99 -10.73 -15.94 16.30
CA ASP B 99 -11.37 -16.99 15.52
C ASP B 99 -10.97 -16.79 14.06
N PHE B 100 -11.18 -17.81 13.23
CA PHE B 100 -10.73 -17.79 11.83
C PHE B 100 -11.31 -16.61 11.04
N GLN B 101 -12.64 -16.48 11.07
CA GLN B 101 -13.32 -15.47 10.26
C GLN B 101 -12.94 -14.05 10.66
N THR B 102 -12.75 -13.82 11.95
CA THR B 102 -12.37 -12.49 12.43
C THR B 102 -10.94 -12.17 12.01
N LEU B 103 -10.05 -13.15 12.15
CA LEU B 103 -8.65 -12.98 11.75
C LEU B 103 -8.52 -12.71 10.25
N GLU B 104 -9.22 -13.51 9.45
CA GLU B 104 -9.17 -13.39 8.00
C GLU B 104 -9.66 -12.02 7.53
N ASN B 105 -10.80 -11.59 8.04
CA ASN B 105 -11.40 -10.31 7.66
C ASN B 105 -10.51 -9.13 8.01
N TRP B 106 -10.02 -9.11 9.25
CA TRP B 106 -9.16 -8.01 9.70
C TRP B 106 -7.90 -7.96 8.86
N MET B 107 -7.38 -9.12 8.50
CA MET B 107 -6.19 -9.21 7.67
C MET B 107 -6.43 -8.61 6.30
N LEU B 108 -7.49 -9.08 5.64
CA LEU B 108 -7.84 -8.59 4.31
C LEU B 108 -8.10 -7.09 4.31
N GLN B 109 -8.71 -6.62 5.41
CA GLN B 109 -9.05 -5.21 5.56
C GLN B 109 -7.80 -4.34 5.64
N THR B 110 -6.87 -4.74 6.51
CA THR B 110 -5.69 -3.92 6.80
C THR B 110 -4.70 -3.88 5.63
N LEU B 111 -4.67 -4.95 4.83
CA LEU B 111 -3.82 -4.98 3.63
C LEU B 111 -4.23 -3.88 2.65
N ASN B 112 -5.51 -3.51 2.70
CA ASN B 112 -6.06 -2.49 1.80
C ASN B 112 -5.66 -1.08 2.22
N GLU B 113 -5.12 -0.95 3.43
CA GLU B 113 -4.78 0.36 3.98
C GLU B 113 -3.30 0.70 3.78
N SER C 2 -35.34 5.77 0.84
CA SER C 2 -35.48 4.33 0.91
C SER C 2 -34.15 3.61 0.67
N HIS C 3 -34.17 2.29 0.76
CA HIS C 3 -32.96 1.47 0.61
C HIS C 3 -32.42 1.52 -0.81
N MET C 4 -33.30 1.81 -1.77
CA MET C 4 -32.95 1.76 -3.18
C MET C 4 -32.14 2.98 -3.63
N SER C 5 -32.49 4.14 -3.09
CA SER C 5 -31.98 5.42 -3.58
C SER C 5 -30.54 5.74 -3.18
N LYS C 6 -30.02 5.04 -2.16
CA LYS C 6 -28.66 5.30 -1.71
C LYS C 6 -27.62 4.73 -2.68
N HIS C 7 -26.56 5.50 -2.91
CA HIS C 7 -25.46 5.12 -3.78
C HIS C 7 -25.88 4.87 -5.22
N LEU C 8 -26.89 5.61 -5.69
CA LEU C 8 -27.33 5.54 -7.07
C LEU C 8 -26.42 6.37 -7.98
N TYR C 9 -26.06 5.80 -9.13
CA TYR C 9 -25.29 6.54 -10.12
C TYR C 9 -26.13 6.86 -11.35
N THR C 10 -25.94 8.05 -11.89
CA THR C 10 -26.44 8.36 -13.23
C THR C 10 -25.59 7.58 -14.24
N ALA C 11 -26.05 7.51 -15.48
CA ALA C 11 -25.26 6.88 -16.53
C ALA C 11 -23.94 7.62 -16.70
N ASP C 12 -23.98 8.94 -16.55
CA ASP C 12 -22.80 9.75 -16.73
C ASP C 12 -21.78 9.55 -15.60
N MET C 13 -22.27 9.33 -14.39
CA MET C 13 -21.41 9.07 -13.25
C MET C 13 -20.72 7.72 -13.38
N PHE C 14 -21.47 6.71 -13.83
CA PHE C 14 -20.95 5.38 -14.04
C PHE C 14 -19.84 5.41 -15.10
N THR C 15 -20.13 6.06 -16.22
CA THR C 15 -19.22 6.12 -17.36
C THR C 15 -17.86 6.71 -16.99
N HIS C 16 -17.87 7.82 -16.25
CA HIS C 16 -16.64 8.49 -15.87
C HIS C 16 -16.04 7.89 -14.61
N GLY C 17 -16.90 7.38 -13.73
CA GLY C 17 -16.45 6.82 -12.46
C GLY C 17 -15.55 5.61 -12.63
N ILE C 18 -15.96 4.68 -13.49
CA ILE C 18 -15.22 3.44 -13.68
C ILE C 18 -13.87 3.65 -14.34
N GLN C 19 -13.63 4.85 -14.87
CA GLN C 19 -12.35 5.17 -15.47
C GLN C 19 -11.46 5.92 -14.49
N SER C 20 -12.06 6.46 -13.43
CA SER C 20 -11.32 7.26 -12.46
C SER C 20 -10.89 6.44 -11.24
N ALA C 21 -11.68 5.43 -10.89
CA ALA C 21 -11.39 4.62 -9.72
C ALA C 21 -12.09 3.27 -9.82
N ALA C 22 -11.62 2.31 -9.04
CA ALA C 22 -12.25 1.00 -8.96
C ALA C 22 -13.66 1.15 -8.42
N HIS C 23 -14.59 0.37 -8.95
CA HIS C 23 -16.00 0.44 -8.56
C HIS C 23 -16.65 -0.94 -8.45
N PHE C 24 -17.33 -1.19 -7.35
CA PHE C 24 -18.15 -2.38 -7.20
C PHE C 24 -19.59 -1.95 -7.47
N VAL C 25 -20.11 -2.33 -8.64
CA VAL C 25 -21.40 -1.83 -9.10
C VAL C 25 -22.48 -2.89 -9.10
N MET C 26 -23.63 -2.54 -8.52
CA MET C 26 -24.79 -3.42 -8.54
C MET C 26 -25.79 -2.96 -9.58
N PHE C 27 -25.89 -3.70 -10.68
CA PHE C 27 -26.90 -3.45 -11.70
C PHE C 27 -28.19 -4.14 -11.26
N PHE C 28 -29.27 -3.36 -11.10
CA PHE C 28 -30.50 -3.91 -10.52
C PHE C 28 -31.76 -3.41 -11.20
N ALA C 29 -32.88 -3.97 -10.76
CA ALA C 29 -34.19 -3.50 -11.17
C ALA C 29 -35.07 -3.45 -9.94
N PRO C 30 -35.95 -2.44 -9.85
CA PRO C 30 -36.82 -2.27 -8.69
C PRO C 30 -37.71 -3.49 -8.45
N TRP C 31 -38.08 -4.19 -9.52
CA TRP C 31 -39.03 -5.30 -9.41
C TRP C 31 -38.37 -6.62 -9.03
N CYS C 32 -37.05 -6.65 -9.00
CA CYS C 32 -36.33 -7.89 -8.72
C CYS C 32 -36.22 -8.16 -7.23
N GLY C 33 -36.80 -9.29 -6.80
CA GLY C 33 -36.84 -9.67 -5.40
C GLY C 33 -35.47 -9.79 -4.75
N HIS C 34 -34.55 -10.49 -5.41
CA HIS C 34 -33.21 -10.66 -4.90
C HIS C 34 -32.49 -9.32 -4.74
N CYS C 35 -32.74 -8.42 -5.68
CA CYS C 35 -32.18 -7.07 -5.62
C CYS C 35 -32.66 -6.34 -4.36
N GLN C 36 -33.95 -6.46 -4.09
CA GLN C 36 -34.57 -5.83 -2.92
C GLN C 36 -33.97 -6.33 -1.60
N ARG C 37 -33.67 -7.62 -1.55
CA ARG C 37 -33.10 -8.22 -0.34
C ARG C 37 -31.64 -7.84 -0.17
N LEU C 38 -31.00 -7.47 -1.28
CA LEU C 38 -29.58 -7.11 -1.27
C LEU C 38 -29.33 -5.65 -0.87
N GLN C 39 -30.28 -4.78 -1.20
CA GLN C 39 -30.13 -3.33 -1.01
C GLN C 39 -29.51 -2.87 0.32
N PRO C 40 -30.05 -3.32 1.47
CA PRO C 40 -29.49 -2.84 2.73
C PRO C 40 -28.04 -3.30 2.95
N THR C 41 -27.71 -4.51 2.52
CA THR C 41 -26.35 -5.01 2.62
C THR C 41 -25.44 -4.17 1.74
N TRP C 42 -25.93 -3.83 0.55
CA TRP C 42 -25.16 -3.02 -0.37
C TRP C 42 -24.95 -1.60 0.17
N ASN C 43 -25.97 -1.08 0.84
CA ASN C 43 -25.86 0.23 1.47
C ASN C 43 -24.81 0.24 2.57
N ASP C 44 -24.73 -0.87 3.31
CA ASP C 44 -23.68 -1.00 4.34
C ASP C 44 -22.29 -1.01 3.72
N LEU C 45 -22.16 -1.57 2.53
CA LEU C 45 -20.88 -1.56 1.82
C LEU C 45 -20.51 -0.14 1.41
N GLY C 46 -21.46 0.57 0.80
CA GLY C 46 -21.23 1.92 0.34
C GLY C 46 -20.98 2.90 1.47
N ASP C 47 -21.79 2.83 2.52
CA ASP C 47 -21.62 3.69 3.68
C ASP C 47 -20.22 3.56 4.25
N LYS C 48 -19.71 2.34 4.25
CA LYS C 48 -18.40 2.05 4.81
C LYS C 48 -17.26 2.55 3.94
N TYR C 49 -17.38 2.36 2.63
CA TYR C 49 -16.26 2.61 1.72
C TYR C 49 -16.28 3.94 0.97
N ASN C 50 -17.47 4.45 0.65
CA ASN C 50 -17.59 5.64 -0.18
C ASN C 50 -17.14 6.94 0.50
N SER C 51 -17.04 6.93 1.82
CA SER C 51 -16.67 8.13 2.56
C SER C 51 -15.26 8.07 3.12
N MET C 52 -14.55 6.99 2.81
CA MET C 52 -13.18 6.82 3.26
C MET C 52 -12.27 7.87 2.63
N GLU C 53 -11.31 8.35 3.41
CA GLU C 53 -10.30 9.26 2.87
C GLU C 53 -9.34 8.45 2.01
N ASP C 54 -9.04 8.98 0.83
CA ASP C 54 -8.22 8.27 -0.15
C ASP C 54 -8.80 6.89 -0.43
N ALA C 55 -10.09 6.86 -0.73
CA ALA C 55 -10.79 5.61 -1.02
C ALA C 55 -10.16 4.87 -2.20
N LYS C 56 -10.00 3.56 -2.05
CA LYS C 56 -9.40 2.74 -3.10
C LYS C 56 -10.47 2.03 -3.93
N VAL C 57 -11.71 2.06 -3.46
CA VAL C 57 -12.83 1.49 -4.19
C VAL C 57 -14.14 2.20 -3.84
N TYR C 58 -15.03 2.29 -4.80
CA TYR C 58 -16.35 2.87 -4.56
C TYR C 58 -17.43 1.82 -4.79
N VAL C 59 -18.50 1.91 -4.02
CA VAL C 59 -19.62 0.99 -4.13
C VAL C 59 -20.85 1.75 -4.61
N ALA C 60 -21.40 1.34 -5.75
CA ALA C 60 -22.48 2.09 -6.38
C ALA C 60 -23.53 1.19 -6.99
N LYS C 61 -24.59 1.79 -7.51
CA LYS C 61 -25.69 1.07 -8.13
C LYS C 61 -26.07 1.70 -9.48
N VAL C 62 -26.61 0.89 -10.37
CA VAL C 62 -27.20 1.39 -11.61
C VAL C 62 -28.59 0.78 -11.78
N ASP C 63 -29.61 1.63 -11.78
CA ASP C 63 -30.99 1.21 -11.99
C ASP C 63 -31.21 0.93 -13.47
N CYS C 64 -31.31 -0.34 -13.83
CA CYS C 64 -31.49 -0.73 -15.24
C CYS C 64 -32.75 -0.15 -15.87
N THR C 65 -33.78 0.08 -15.07
CA THR C 65 -35.01 0.67 -15.58
C THR C 65 -34.80 2.15 -15.89
N ALA C 66 -33.82 2.75 -15.23
CA ALA C 66 -33.51 4.16 -15.45
C ALA C 66 -32.48 4.34 -16.55
N HIS C 67 -31.61 3.34 -16.73
CA HIS C 67 -30.53 3.42 -17.69
C HIS C 67 -30.33 2.08 -18.40
N SER C 68 -31.26 1.72 -19.28
CA SER C 68 -31.23 0.42 -19.94
C SER C 68 -30.10 0.30 -20.95
N ASP C 69 -29.67 1.43 -21.49
CA ASP C 69 -28.54 1.47 -22.42
C ASP C 69 -27.23 1.03 -21.74
N VAL C 70 -27.05 1.47 -20.50
CA VAL C 70 -25.88 1.09 -19.72
C VAL C 70 -25.86 -0.42 -19.45
N CYS C 71 -26.98 -0.95 -18.98
CA CYS C 71 -27.08 -2.37 -18.70
C CYS C 71 -26.87 -3.21 -19.96
N SER C 72 -27.45 -2.75 -21.06
CA SER C 72 -27.27 -3.41 -22.35
C SER C 72 -25.80 -3.45 -22.71
N ALA C 73 -25.14 -2.29 -22.62
CA ALA C 73 -23.74 -2.18 -22.98
C ALA C 73 -22.84 -2.97 -22.04
N GLN C 74 -23.35 -3.28 -20.85
CA GLN C 74 -22.58 -4.05 -19.88
C GLN C 74 -22.90 -5.54 -19.93
N GLY C 75 -23.69 -5.94 -20.92
CA GLY C 75 -24.05 -7.33 -21.12
C GLY C 75 -24.73 -7.96 -19.91
N VAL C 76 -25.60 -7.19 -19.26
CA VAL C 76 -26.27 -7.67 -18.05
C VAL C 76 -27.19 -8.85 -18.33
N ARG C 77 -26.92 -9.97 -17.64
CA ARG C 77 -27.80 -11.13 -17.67
C ARG C 77 -28.29 -11.43 -16.26
N GLY C 78 -29.58 -11.24 -16.01
CA GLY C 78 -30.15 -11.55 -14.71
C GLY C 78 -29.89 -10.47 -13.67
N TYR C 79 -30.65 -10.53 -12.57
CA TYR C 79 -30.65 -9.43 -11.60
C TYR C 79 -30.63 -9.94 -10.16
N PRO C 80 -29.76 -9.35 -9.32
CA PRO C 80 -28.83 -8.28 -9.72
C PRO C 80 -27.61 -8.84 -10.43
N THR C 81 -26.87 -7.97 -11.12
CA THR C 81 -25.57 -8.34 -11.66
C THR C 81 -24.50 -7.52 -10.95
N LEU C 82 -23.53 -8.20 -10.37
CA LEU C 82 -22.49 -7.54 -9.61
C LEU C 82 -21.15 -7.59 -10.35
N LYS C 83 -20.63 -6.42 -10.71
CA LYS C 83 -19.38 -6.34 -11.43
C LYS C 83 -18.41 -5.37 -10.76
N LEU C 84 -17.13 -5.77 -10.71
CA LEU C 84 -16.08 -4.92 -10.18
C LEU C 84 -15.27 -4.33 -11.33
N PHE C 85 -15.24 -3.00 -11.41
CA PHE C 85 -14.52 -2.33 -12.48
C PHE C 85 -13.20 -1.80 -11.96
N LYS C 86 -12.16 -1.91 -12.78
CA LYS C 86 -10.85 -1.37 -12.44
C LYS C 86 -10.30 -0.67 -13.68
N PRO C 87 -10.01 0.64 -13.53
CA PRO C 87 -9.55 1.49 -14.64
C PRO C 87 -8.41 0.86 -15.41
N GLY C 88 -8.56 0.73 -16.73
CA GLY C 88 -7.53 0.14 -17.56
C GLY C 88 -7.61 -1.37 -17.64
N GLN C 89 -8.40 -1.97 -16.77
CA GLN C 89 -8.55 -3.42 -16.75
C GLN C 89 -9.95 -3.86 -17.13
N GLU C 90 -10.11 -5.16 -17.37
CA GLU C 90 -11.41 -5.72 -17.74
C GLU C 90 -12.22 -5.98 -16.48
N ALA C 91 -13.50 -5.63 -16.52
CA ALA C 91 -14.39 -5.84 -15.38
C ALA C 91 -14.58 -7.32 -15.10
N VAL C 92 -14.90 -7.66 -13.85
CA VAL C 92 -15.16 -9.05 -13.49
C VAL C 92 -16.51 -9.20 -12.79
N LYS C 93 -17.28 -10.17 -13.25
CA LYS C 93 -18.59 -10.45 -12.67
C LYS C 93 -18.43 -11.30 -11.41
N TYR C 94 -19.15 -10.94 -10.35
CA TYR C 94 -19.11 -11.69 -9.10
C TYR C 94 -20.31 -12.62 -8.93
N GLN C 95 -20.04 -13.92 -8.87
CA GLN C 95 -21.10 -14.92 -8.84
C GLN C 95 -21.32 -15.50 -7.44
N GLY C 96 -20.49 -15.09 -6.48
CA GLY C 96 -20.53 -15.68 -5.15
C GLY C 96 -21.66 -15.21 -4.25
N PRO C 97 -21.73 -15.76 -3.02
CA PRO C 97 -22.74 -15.45 -2.01
C PRO C 97 -22.75 -13.95 -1.70
N ARG C 98 -23.89 -13.44 -1.28
CA ARG C 98 -24.06 -12.00 -1.18
C ARG C 98 -24.27 -11.48 0.25
N ASP C 99 -23.81 -12.25 1.23
CA ASP C 99 -23.77 -11.75 2.61
C ASP C 99 -22.63 -10.74 2.72
N PHE C 100 -22.73 -9.84 3.70
CA PHE C 100 -21.80 -8.71 3.80
C PHE C 100 -20.33 -9.11 3.83
N GLN C 101 -20.00 -10.01 4.74
CA GLN C 101 -18.61 -10.38 4.96
C GLN C 101 -17.96 -11.00 3.72
N THR C 102 -18.72 -11.85 3.05
CA THR C 102 -18.23 -12.53 1.84
C THR C 102 -18.03 -11.53 0.70
N LEU C 103 -18.95 -10.58 0.58
CA LEU C 103 -18.84 -9.51 -0.41
C LEU C 103 -17.57 -8.72 -0.19
N GLU C 104 -17.41 -8.21 1.03
CA GLU C 104 -16.27 -7.37 1.38
C GLU C 104 -14.96 -8.12 1.16
N ASN C 105 -14.90 -9.35 1.65
CA ASN C 105 -13.71 -10.18 1.50
C ASN C 105 -13.29 -10.40 0.05
N TRP C 106 -14.26 -10.66 -0.82
CA TRP C 106 -13.97 -10.85 -2.23
C TRP C 106 -13.58 -9.53 -2.89
N MET C 107 -14.25 -8.45 -2.51
CA MET C 107 -13.95 -7.13 -3.06
C MET C 107 -12.50 -6.75 -2.78
N LEU C 108 -12.11 -6.81 -1.51
CA LEU C 108 -10.75 -6.46 -1.11
C LEU C 108 -9.71 -7.33 -1.81
N GLN C 109 -9.96 -8.63 -1.89
CA GLN C 109 -9.03 -9.56 -2.50
C GLN C 109 -8.84 -9.26 -3.99
N THR C 110 -9.95 -8.99 -4.69
CA THR C 110 -9.91 -8.77 -6.12
C THR C 110 -9.24 -7.45 -6.49
N LEU C 111 -9.49 -6.42 -5.69
CA LEU C 111 -8.83 -5.13 -5.86
C LEU C 111 -7.32 -5.31 -5.92
N ASN C 112 -6.79 -6.02 -4.94
CA ASN C 112 -5.36 -6.27 -4.82
C ASN C 112 -4.97 -7.53 -5.58
N GLU C 113 -4.95 -7.44 -6.91
CA GLU C 113 -4.68 -8.60 -7.74
C GLU C 113 -3.41 -8.42 -8.57
N HIS D 3 -27.94 30.51 -31.94
CA HIS D 3 -26.71 29.73 -31.96
C HIS D 3 -26.05 29.71 -33.34
N MET D 4 -26.88 29.80 -34.38
CA MET D 4 -26.39 29.73 -35.75
C MET D 4 -25.45 30.88 -36.12
N SER D 5 -25.81 32.09 -35.67
CA SER D 5 -25.14 33.30 -36.14
C SER D 5 -23.68 33.44 -35.71
N LYS D 6 -23.30 32.76 -34.64
CA LYS D 6 -21.96 32.89 -34.10
C LYS D 6 -20.91 32.26 -35.02
N HIS D 7 -19.77 32.93 -35.14
CA HIS D 7 -18.65 32.46 -35.96
C HIS D 7 -19.04 32.23 -37.42
N LEU D 8 -19.95 33.07 -37.92
CA LEU D 8 -20.36 33.00 -39.33
C LEU D 8 -19.37 33.75 -40.21
N TYR D 9 -19.07 33.17 -41.37
CA TYR D 9 -18.18 33.78 -42.34
C TYR D 9 -18.96 34.15 -43.60
N THR D 10 -18.63 35.31 -44.17
CA THR D 10 -19.11 35.63 -45.52
C THR D 10 -18.28 34.81 -46.50
N ALA D 11 -18.69 34.81 -47.76
CA ALA D 11 -17.93 34.10 -48.79
C ALA D 11 -16.53 34.69 -48.89
N ASP D 12 -16.44 36.01 -48.78
CA ASP D 12 -15.18 36.72 -48.90
C ASP D 12 -14.26 36.42 -47.72
N MET D 13 -14.84 36.28 -46.53
CA MET D 13 -14.07 35.96 -45.34
C MET D 13 -13.48 34.56 -45.45
N PHE D 14 -14.26 33.64 -46.00
CA PHE D 14 -13.83 32.26 -46.17
C PHE D 14 -12.67 32.14 -47.16
N THR D 15 -12.79 32.86 -48.28
CA THR D 15 -11.80 32.79 -49.34
C THR D 15 -10.43 33.27 -48.87
N HIS D 16 -10.42 34.35 -48.10
CA HIS D 16 -9.17 34.93 -47.61
C HIS D 16 -8.69 34.26 -46.32
N GLY D 17 -9.65 33.85 -45.48
CA GLY D 17 -9.33 33.23 -44.21
C GLY D 17 -8.50 31.96 -44.35
N ILE D 18 -8.95 31.06 -45.22
CA ILE D 18 -8.28 29.78 -45.40
C ILE D 18 -6.90 29.93 -46.04
N GLN D 19 -6.64 31.10 -46.61
CA GLN D 19 -5.32 31.41 -47.17
C GLN D 19 -4.42 32.10 -46.15
N SER D 20 -5.02 32.81 -45.20
CA SER D 20 -4.24 33.57 -44.22
C SER D 20 -3.89 32.77 -42.97
N ALA D 21 -4.78 31.86 -42.57
CA ALA D 21 -4.52 31.03 -41.40
C ALA D 21 -5.31 29.74 -41.48
N ALA D 22 -4.93 28.78 -40.65
CA ALA D 22 -5.61 27.50 -40.60
C ALA D 22 -7.05 27.66 -40.12
N HIS D 23 -7.98 27.01 -40.80
CA HIS D 23 -9.40 27.15 -40.48
C HIS D 23 -10.10 25.80 -40.38
N PHE D 24 -10.84 25.61 -39.29
CA PHE D 24 -11.70 24.45 -39.15
C PHE D 24 -13.12 24.89 -39.44
N VAL D 25 -13.61 24.56 -40.64
CA VAL D 25 -14.86 25.12 -41.14
C VAL D 25 -16.04 24.14 -41.12
N MET D 26 -17.19 24.63 -40.67
CA MET D 26 -18.42 23.85 -40.67
C MET D 26 -19.39 24.33 -41.75
N PHE D 27 -19.50 23.56 -42.83
CA PHE D 27 -20.47 23.84 -43.88
C PHE D 27 -21.80 23.21 -43.47
N PHE D 28 -22.84 24.04 -43.36
CA PHE D 28 -24.11 23.58 -42.82
C PHE D 28 -25.31 24.16 -43.54
N ALA D 29 -26.49 23.76 -43.07
CA ALA D 29 -27.75 24.29 -43.54
C ALA D 29 -28.72 24.30 -42.36
N PRO D 30 -29.57 25.34 -42.26
CA PRO D 30 -30.45 25.49 -41.11
C PRO D 30 -31.42 24.32 -40.95
N TRP D 31 -31.79 23.68 -42.06
CA TRP D 31 -32.71 22.54 -42.01
C TRP D 31 -32.03 21.24 -41.57
N CYS D 32 -30.70 21.28 -41.50
CA CYS D 32 -29.94 20.11 -41.09
C CYS D 32 -30.00 19.92 -39.58
N GLY D 33 -30.63 18.83 -39.16
CA GLY D 33 -30.80 18.53 -37.74
C GLY D 33 -29.50 18.25 -37.02
N HIS D 34 -28.61 17.50 -37.66
CA HIS D 34 -27.28 17.25 -37.11
C HIS D 34 -26.51 18.55 -36.94
N CYS D 35 -26.70 19.47 -37.87
CA CYS D 35 -26.07 20.79 -37.83
C CYS D 35 -26.60 21.58 -36.64
N GLN D 36 -27.90 21.51 -36.44
CA GLN D 36 -28.56 22.20 -35.33
C GLN D 36 -27.99 21.71 -34.00
N ARG D 37 -27.84 20.40 -33.87
CA ARG D 37 -27.35 19.80 -32.64
C ARG D 37 -25.85 20.03 -32.47
N LEU D 38 -25.19 20.43 -33.55
CA LEU D 38 -23.74 20.65 -33.52
C LEU D 38 -23.38 22.09 -33.17
N GLN D 39 -24.29 23.02 -33.41
CA GLN D 39 -24.07 24.45 -33.18
C GLN D 39 -23.43 24.83 -31.83
N PRO D 40 -23.97 24.32 -30.70
CA PRO D 40 -23.39 24.75 -29.42
C PRO D 40 -21.97 24.23 -29.20
N THR D 41 -21.70 23.02 -29.67
CA THR D 41 -20.38 22.43 -29.51
C THR D 41 -19.37 23.19 -30.36
N TRP D 42 -19.79 23.58 -31.56
CA TRP D 42 -18.95 24.33 -32.48
C TRP D 42 -18.68 25.73 -31.95
N ASN D 43 -19.69 26.34 -31.35
CA ASN D 43 -19.55 27.66 -30.74
C ASN D 43 -18.54 27.63 -29.59
N ASP D 44 -18.56 26.55 -28.82
CA ASP D 44 -17.60 26.37 -27.74
C ASP D 44 -16.17 26.29 -28.29
N LEU D 45 -16.02 25.57 -29.40
CA LEU D 45 -14.71 25.46 -30.06
C LEU D 45 -14.24 26.82 -30.53
N GLY D 46 -15.13 27.55 -31.20
CA GLY D 46 -14.81 28.87 -31.71
C GLY D 46 -14.37 29.84 -30.64
N ASP D 47 -15.18 29.97 -29.60
CA ASP D 47 -14.89 30.88 -28.49
C ASP D 47 -13.54 30.60 -27.83
N LYS D 48 -13.15 29.33 -27.80
CA LYS D 48 -11.90 28.95 -27.17
C LYS D 48 -10.69 29.36 -28.00
N TYR D 49 -10.77 29.15 -29.31
CA TYR D 49 -9.60 29.34 -30.18
C TYR D 49 -9.56 30.66 -30.96
N ASN D 50 -10.72 31.14 -31.40
CA ASN D 50 -10.78 32.32 -32.26
C ASN D 50 -10.30 33.61 -31.59
N SER D 51 -10.38 33.67 -30.28
CA SER D 51 -9.98 34.86 -29.54
C SER D 51 -8.58 34.71 -28.95
N MET D 52 -7.96 33.58 -29.22
CA MET D 52 -6.62 33.30 -28.69
C MET D 52 -5.56 34.25 -29.21
N GLU D 53 -4.59 34.54 -28.36
CA GLU D 53 -3.47 35.41 -28.68
C GLU D 53 -2.59 34.76 -29.73
N ASP D 54 -2.37 35.47 -30.84
CA ASP D 54 -1.61 34.94 -31.97
C ASP D 54 -2.12 33.56 -32.36
N ALA D 55 -3.42 33.47 -32.59
CA ALA D 55 -4.09 32.19 -32.87
C ALA D 55 -3.50 31.49 -34.09
N LYS D 56 -3.34 30.18 -33.98
CA LYS D 56 -2.80 29.38 -35.07
C LYS D 56 -3.91 28.68 -35.85
N VAL D 57 -5.11 28.66 -35.27
CA VAL D 57 -6.26 28.03 -35.92
C VAL D 57 -7.56 28.76 -35.58
N TYR D 58 -8.43 28.89 -36.56
CA TYR D 58 -9.72 29.55 -36.36
C TYR D 58 -10.86 28.60 -36.66
N VAL D 59 -11.94 28.72 -35.90
CA VAL D 59 -13.12 27.88 -36.09
C VAL D 59 -14.27 28.71 -36.63
N ALA D 60 -14.78 28.34 -37.79
CA ALA D 60 -15.79 29.14 -38.47
C ALA D 60 -16.87 28.29 -39.13
N LYS D 61 -17.96 28.94 -39.53
CA LYS D 61 -19.07 28.27 -40.19
C LYS D 61 -19.35 28.91 -41.54
N VAL D 62 -19.92 28.14 -42.46
CA VAL D 62 -20.40 28.68 -43.72
C VAL D 62 -21.79 28.15 -44.01
N ASP D 63 -22.77 29.06 -44.06
CA ASP D 63 -24.14 28.70 -44.37
C ASP D 63 -24.28 28.45 -45.87
N CYS D 64 -24.53 27.19 -46.24
CA CYS D 64 -24.68 26.83 -47.64
C CYS D 64 -25.86 27.50 -48.32
N THR D 65 -26.94 27.71 -47.55
CA THR D 65 -28.11 28.40 -48.09
C THR D 65 -27.82 29.87 -48.35
N ALA D 66 -26.73 30.38 -47.77
CA ALA D 66 -26.32 31.76 -47.99
C ALA D 66 -25.20 31.84 -49.03
N HIS D 67 -24.44 30.76 -49.15
CA HIS D 67 -23.31 30.71 -50.08
C HIS D 67 -23.21 29.35 -50.76
N SER D 68 -24.17 29.05 -51.63
CA SER D 68 -24.19 27.74 -52.29
C SER D 68 -22.98 27.56 -53.21
N ASP D 69 -22.53 28.64 -53.82
CA ASP D 69 -21.35 28.60 -54.69
C ASP D 69 -20.10 28.16 -53.94
N VAL D 70 -20.01 28.52 -52.66
CA VAL D 70 -18.87 28.14 -51.84
C VAL D 70 -18.92 26.65 -51.51
N CYS D 71 -20.08 26.19 -51.04
CA CYS D 71 -20.27 24.79 -50.70
C CYS D 71 -20.08 23.90 -51.92
N SER D 72 -20.42 24.44 -53.09
CA SER D 72 -20.25 23.71 -54.34
C SER D 72 -18.77 23.59 -54.69
N ALA D 73 -18.04 24.69 -54.56
CA ALA D 73 -16.62 24.72 -54.88
C ALA D 73 -15.81 23.82 -53.95
N GLN D 74 -16.25 23.69 -52.71
CA GLN D 74 -15.57 22.85 -51.74
C GLN D 74 -16.07 21.41 -51.82
N GLY D 75 -16.98 21.15 -52.75
CA GLY D 75 -17.48 19.81 -53.00
C GLY D 75 -18.18 19.17 -51.81
N VAL D 76 -19.03 19.94 -51.15
CA VAL D 76 -19.75 19.47 -49.97
C VAL D 76 -20.63 18.26 -50.26
N ARG D 77 -20.52 17.23 -49.44
CA ARG D 77 -21.36 16.04 -49.55
C ARG D 77 -21.97 15.72 -48.20
N GLY D 78 -23.25 16.06 -48.03
CA GLY D 78 -23.94 15.82 -46.78
C GLY D 78 -23.74 16.95 -45.79
N TYR D 79 -24.56 16.99 -44.75
CA TYR D 79 -24.57 18.09 -43.80
C TYR D 79 -24.68 17.58 -42.37
N PRO D 80 -23.78 18.04 -41.48
CA PRO D 80 -22.76 19.05 -41.80
C PRO D 80 -21.52 18.43 -42.44
N THR D 81 -20.75 19.26 -43.13
CA THR D 81 -19.44 18.83 -43.62
C THR D 81 -18.37 19.66 -42.93
N LEU D 82 -17.42 18.97 -42.30
CA LEU D 82 -16.36 19.63 -41.55
C LEU D 82 -15.02 19.43 -42.23
N LYS D 83 -14.44 20.52 -42.73
CA LYS D 83 -13.13 20.44 -43.34
C LYS D 83 -12.14 21.37 -42.64
N LEU D 84 -10.93 20.86 -42.42
CA LEU D 84 -9.85 21.67 -41.86
C LEU D 84 -8.95 22.18 -42.97
N PHE D 85 -8.81 23.50 -43.06
CA PHE D 85 -7.98 24.11 -44.08
C PHE D 85 -6.66 24.58 -43.47
N LYS D 86 -5.57 24.34 -44.19
CA LYS D 86 -4.26 24.88 -43.83
C LYS D 86 -3.67 25.52 -45.08
N PRO D 87 -3.23 26.77 -44.97
CA PRO D 87 -2.70 27.53 -46.12
C PRO D 87 -1.62 26.75 -46.86
N GLY D 88 -1.76 26.66 -48.18
CA GLY D 88 -0.80 25.96 -49.02
C GLY D 88 -1.17 24.50 -49.25
N GLN D 89 -1.73 23.85 -48.24
CA GLN D 89 -2.03 22.43 -48.31
C GLN D 89 -3.49 22.15 -48.69
N GLU D 90 -3.78 20.91 -49.05
CA GLU D 90 -5.14 20.51 -49.37
C GLU D 90 -5.95 20.32 -48.08
N ALA D 91 -7.25 20.60 -48.16
CA ALA D 91 -8.12 20.50 -47.00
C ALA D 91 -8.33 19.04 -46.60
N VAL D 92 -8.76 18.82 -45.37
CA VAL D 92 -9.03 17.48 -44.88
C VAL D 92 -10.43 17.39 -44.28
N LYS D 93 -11.23 16.49 -44.82
CA LYS D 93 -12.59 16.30 -44.33
C LYS D 93 -12.58 15.41 -43.09
N TYR D 94 -13.23 15.87 -42.02
CA TYR D 94 -13.33 15.10 -40.79
C TYR D 94 -14.56 14.21 -40.79
N GLN D 95 -14.37 12.95 -40.45
CA GLN D 95 -15.48 12.03 -40.24
C GLN D 95 -15.27 11.27 -38.94
N GLY D 96 -16.26 11.35 -38.05
CA GLY D 96 -16.17 10.70 -36.75
C GLY D 96 -17.12 11.34 -35.75
N PRO D 97 -16.96 11.01 -34.46
CA PRO D 97 -17.82 11.53 -33.40
C PRO D 97 -17.71 13.05 -33.28
N ARG D 98 -18.84 13.71 -33.05
CA ARG D 98 -18.91 15.17 -33.06
C ARG D 98 -19.15 15.76 -31.68
N ASP D 99 -18.33 15.38 -30.71
CA ASP D 99 -18.36 16.00 -29.39
C ASP D 99 -17.09 16.81 -29.19
N PHE D 100 -17.14 17.79 -28.28
CA PHE D 100 -16.04 18.74 -28.10
C PHE D 100 -14.67 18.09 -27.93
N GLN D 101 -14.59 17.13 -27.02
CA GLN D 101 -13.32 16.51 -26.68
C GLN D 101 -12.66 15.84 -27.87
N THR D 102 -13.43 15.09 -28.65
CA THR D 102 -12.90 14.39 -29.81
C THR D 102 -12.60 15.35 -30.96
N LEU D 103 -13.49 16.32 -31.16
CA LEU D 103 -13.30 17.33 -32.21
C LEU D 103 -12.04 18.15 -31.95
N GLU D 104 -11.89 18.64 -30.73
CA GLU D 104 -10.75 19.46 -30.36
C GLU D 104 -9.44 18.72 -30.56
N ASN D 105 -9.41 17.46 -30.10
CA ASN D 105 -8.21 16.65 -30.19
C ASN D 105 -7.80 16.35 -31.63
N TRP D 106 -8.78 16.05 -32.48
CA TRP D 106 -8.52 15.79 -33.89
C TRP D 106 -7.94 17.02 -34.58
N MET D 107 -8.52 18.18 -34.29
CA MET D 107 -8.06 19.43 -34.88
C MET D 107 -6.60 19.70 -34.51
N LEU D 108 -6.29 19.51 -33.23
CA LEU D 108 -4.94 19.73 -32.73
C LEU D 108 -3.95 18.75 -33.37
N GLN D 109 -4.38 17.50 -33.52
CA GLN D 109 -3.53 16.47 -34.12
C GLN D 109 -3.24 16.75 -35.59
N THR D 110 -4.22 17.32 -36.29
CA THR D 110 -4.13 17.51 -37.74
C THR D 110 -3.32 18.75 -38.12
N LEU D 111 -3.38 19.78 -37.29
CA LEU D 111 -2.50 20.93 -37.45
C LEU D 111 -1.06 20.47 -37.30
N ASN D 112 -0.86 19.60 -36.32
CA ASN D 112 0.46 19.08 -35.98
C ASN D 112 1.14 18.37 -37.14
N GLU D 113 0.38 17.59 -37.89
CA GLU D 113 0.92 16.84 -39.02
C GLU D 113 0.94 17.68 -40.29
N HIS E 3 28.07 -19.30 20.85
CA HIS E 3 27.89 -20.42 21.77
C HIS E 3 26.96 -20.03 22.92
N MET E 4 27.19 -18.85 23.49
CA MET E 4 26.39 -18.40 24.62
C MET E 4 25.03 -17.87 24.17
N SER E 5 24.89 -17.66 22.88
CA SER E 5 23.66 -17.07 22.33
C SER E 5 22.49 -18.03 22.33
N LYS E 6 22.77 -19.33 22.40
CA LYS E 6 21.72 -20.35 22.39
C LYS E 6 20.83 -20.26 23.63
N HIS E 7 19.54 -20.49 23.42
CA HIS E 7 18.56 -20.54 24.51
C HIS E 7 18.48 -19.26 25.33
N LEU E 8 18.83 -18.13 24.72
CA LEU E 8 18.68 -16.84 25.37
C LEU E 8 17.22 -16.47 25.45
N TYR E 9 16.83 -15.88 26.58
CA TYR E 9 15.48 -15.37 26.76
C TYR E 9 15.51 -13.85 26.82
N THR E 10 14.52 -13.21 26.18
CA THR E 10 14.31 -11.79 26.39
C THR E 10 13.69 -11.64 27.79
N ALA E 11 13.63 -10.41 28.29
CA ALA E 11 13.01 -10.17 29.59
C ALA E 11 11.54 -10.58 29.55
N ASP E 12 10.89 -10.30 28.43
CA ASP E 12 9.48 -10.61 28.24
C ASP E 12 9.24 -12.13 28.21
N MET E 13 10.19 -12.86 27.64
CA MET E 13 10.10 -14.32 27.59
C MET E 13 10.25 -14.93 28.99
N PHE E 14 11.14 -14.34 29.79
CA PHE E 14 11.36 -14.82 31.15
C PHE E 14 10.11 -14.66 32.01
N THR E 15 9.50 -13.48 31.91
CA THR E 15 8.35 -13.14 32.75
C THR E 15 7.17 -14.06 32.52
N HIS E 16 6.86 -14.35 31.25
CA HIS E 16 5.74 -15.22 30.92
C HIS E 16 6.10 -16.70 31.01
N GLY E 17 7.35 -17.03 30.69
CA GLY E 17 7.80 -18.41 30.69
C GLY E 17 7.78 -19.09 32.06
N ILE E 18 8.24 -18.38 33.09
CA ILE E 18 8.28 -18.96 34.43
C ILE E 18 6.89 -19.04 35.06
N GLN E 19 5.94 -18.34 34.45
CA GLN E 19 4.54 -18.43 34.87
C GLN E 19 3.85 -19.59 34.18
N SER E 20 4.28 -19.89 32.96
CA SER E 20 3.57 -20.84 32.10
C SER E 20 4.11 -22.27 32.20
N ALA E 21 5.36 -22.42 32.61
CA ALA E 21 5.97 -23.74 32.72
C ALA E 21 7.21 -23.74 33.60
N ALA E 22 7.68 -24.93 33.96
CA ALA E 22 8.87 -25.07 34.79
C ALA E 22 10.12 -24.64 34.04
N HIS E 23 11.00 -23.91 34.70
CA HIS E 23 12.19 -23.37 34.06
C HIS E 23 13.45 -23.48 34.92
N PHE E 24 14.52 -23.98 34.30
CA PHE E 24 15.83 -24.00 34.93
C PHE E 24 16.66 -22.91 34.25
N VAL E 25 16.85 -21.79 34.94
CA VAL E 25 17.41 -20.59 34.32
C VAL E 25 18.83 -20.26 34.77
N MET E 26 19.69 -19.96 33.79
CA MET E 26 21.04 -19.51 34.07
C MET E 26 21.17 -18.00 33.89
N PHE E 27 21.30 -17.27 34.99
CA PHE E 27 21.59 -15.85 34.95
C PHE E 27 23.10 -15.67 34.86
N PHE E 28 23.56 -14.92 33.86
CA PHE E 28 24.99 -14.86 33.59
C PHE E 28 25.44 -13.52 33.02
N ALA E 29 26.75 -13.38 32.89
CA ALA E 29 27.36 -12.24 32.22
C ALA E 29 28.50 -12.76 31.35
N PRO E 30 28.69 -12.16 30.17
CA PRO E 30 29.70 -12.62 29.22
C PRO E 30 31.13 -12.64 29.79
N TRP E 31 31.41 -11.73 30.73
CA TRP E 31 32.77 -11.62 31.27
C TRP E 31 33.12 -12.66 32.32
N CYS E 32 32.12 -13.37 32.84
CA CYS E 32 32.36 -14.36 33.88
C CYS E 32 32.94 -15.66 33.33
N GLY E 33 34.07 -16.09 33.89
CA GLY E 33 34.74 -17.29 33.45
C GLY E 33 33.95 -18.56 33.72
N HIS E 34 33.40 -18.66 34.92
CA HIS E 34 32.56 -19.80 35.29
C HIS E 34 31.39 -19.97 34.32
N CYS E 35 30.82 -18.86 33.89
CA CYS E 35 29.70 -18.87 32.95
C CYS E 35 30.13 -19.40 31.59
N GLN E 36 31.28 -18.95 31.12
CA GLN E 36 31.79 -19.36 29.80
C GLN E 36 31.99 -20.87 29.73
N ARG E 37 32.50 -21.45 30.81
CA ARG E 37 32.78 -22.89 30.85
C ARG E 37 31.50 -23.71 30.96
N LEU E 38 30.44 -23.09 31.48
CA LEU E 38 29.17 -23.78 31.67
C LEU E 38 28.26 -23.68 30.44
N GLN E 39 28.53 -22.71 29.57
CA GLN E 39 27.74 -22.51 28.35
C GLN E 39 27.47 -23.77 27.50
N PRO E 40 28.51 -24.57 27.20
CA PRO E 40 28.24 -25.77 26.41
C PRO E 40 27.36 -26.79 27.14
N THR E 41 27.66 -27.01 28.42
CA THR E 41 26.87 -27.95 29.23
C THR E 41 25.42 -27.52 29.30
N TRP E 42 25.19 -26.22 29.46
CA TRP E 42 23.84 -25.68 29.55
C TRP E 42 23.12 -25.83 28.21
N ASN E 43 23.87 -25.69 27.13
CA ASN E 43 23.32 -25.87 25.78
C ASN E 43 22.84 -27.29 25.54
N ASP E 44 23.67 -28.26 25.91
CA ASP E 44 23.31 -29.67 25.78
C ASP E 44 22.09 -29.99 26.65
N LEU E 45 21.97 -29.30 27.77
CA LEU E 45 20.80 -29.43 28.63
C LEU E 45 19.56 -28.91 27.91
N GLY E 46 19.70 -27.78 27.24
CA GLY E 46 18.60 -27.16 26.53
C GLY E 46 18.20 -27.93 25.28
N ASP E 47 19.19 -28.43 24.55
CA ASP E 47 18.93 -29.20 23.35
C ASP E 47 18.15 -30.48 23.65
N LYS E 48 18.44 -31.09 24.79
CA LYS E 48 17.80 -32.34 25.16
C LYS E 48 16.36 -32.14 25.63
N TYR E 49 16.11 -31.05 26.34
CA TYR E 49 14.82 -30.87 27.01
C TYR E 49 13.85 -29.89 26.34
N ASN E 50 14.36 -28.80 25.77
CA ASN E 50 13.50 -27.76 25.22
C ASN E 50 12.69 -28.20 23.99
N SER E 51 13.24 -29.13 23.21
CA SER E 51 12.56 -29.61 22.02
C SER E 51 11.79 -30.90 22.30
N MET E 52 11.64 -31.23 23.58
CA MET E 52 10.96 -32.46 23.97
C MET E 52 9.45 -32.38 23.76
N GLU E 53 8.89 -33.50 23.33
CA GLU E 53 7.45 -33.67 23.20
C GLU E 53 6.75 -33.43 24.54
N ASP E 54 5.98 -32.34 24.61
CA ASP E 54 5.31 -31.92 25.84
C ASP E 54 6.29 -31.83 27.01
N ALA E 55 7.22 -30.89 26.92
CA ALA E 55 8.27 -30.75 27.92
C ALA E 55 7.71 -30.32 29.28
N LYS E 56 8.14 -31.04 30.32
CA LYS E 56 7.73 -30.72 31.69
C LYS E 56 8.67 -29.67 32.29
N VAL E 57 9.80 -29.45 31.63
CA VAL E 57 10.75 -28.44 32.06
C VAL E 57 11.45 -27.80 30.86
N TYR E 58 11.80 -26.53 31.00
CA TYR E 58 12.54 -25.81 29.96
C TYR E 58 13.84 -25.23 30.51
N VAL E 59 14.86 -25.19 29.67
CA VAL E 59 16.17 -24.71 30.09
C VAL E 59 16.55 -23.44 29.31
N ALA E 60 16.80 -22.36 30.02
CA ALA E 60 16.99 -21.06 29.38
C ALA E 60 18.11 -20.22 30.01
N LYS E 61 18.43 -19.11 29.36
CA LYS E 61 19.46 -18.19 29.83
C LYS E 61 18.94 -16.76 29.91
N VAL E 62 19.39 -16.02 30.91
CA VAL E 62 19.15 -14.59 30.97
C VAL E 62 20.49 -13.87 31.08
N ASP E 63 20.75 -12.96 30.15
CA ASP E 63 21.97 -12.17 30.16
C ASP E 63 21.78 -10.94 31.04
N CYS E 64 22.51 -10.89 32.15
CA CYS E 64 22.37 -9.78 33.09
C CYS E 64 22.82 -8.45 32.49
N THR E 65 23.83 -8.49 31.63
CA THR E 65 24.29 -7.28 30.94
C THR E 65 23.23 -6.78 29.97
N ALA E 66 22.37 -7.68 29.52
CA ALA E 66 21.28 -7.33 28.62
C ALA E 66 20.02 -6.99 29.41
N HIS E 67 19.86 -7.61 30.58
CA HIS E 67 18.67 -7.39 31.40
C HIS E 67 19.02 -7.23 32.88
N SER E 68 19.68 -6.13 33.22
CA SER E 68 20.07 -5.84 34.60
C SER E 68 18.85 -5.71 35.49
N ASP E 69 17.74 -5.27 34.90
CA ASP E 69 16.45 -5.18 35.58
C ASP E 69 16.01 -6.53 36.13
N VAL E 70 16.03 -7.55 35.28
CA VAL E 70 15.57 -8.88 35.66
C VAL E 70 16.44 -9.51 36.73
N CYS E 71 17.76 -9.39 36.57
CA CYS E 71 18.69 -9.95 37.54
C CYS E 71 18.54 -9.30 38.91
N SER E 72 18.34 -7.99 38.92
CA SER E 72 18.13 -7.27 40.18
C SER E 72 16.85 -7.74 40.85
N ALA E 73 15.77 -7.83 40.09
CA ALA E 73 14.49 -8.27 40.61
C ALA E 73 14.55 -9.70 41.14
N GLN E 74 15.43 -10.51 40.55
CA GLN E 74 15.61 -11.90 40.97
C GLN E 74 16.64 -12.04 42.08
N GLY E 75 17.16 -10.90 42.53
CA GLY E 75 18.12 -10.87 43.61
C GLY E 75 19.38 -11.67 43.33
N VAL E 76 19.90 -11.53 42.11
CA VAL E 76 21.08 -12.28 41.70
C VAL E 76 22.33 -11.87 42.49
N ARG E 77 22.93 -12.84 43.17
CA ARG E 77 24.20 -12.62 43.87
C ARG E 77 25.24 -13.58 43.33
N GLY E 78 26.18 -13.07 42.54
CA GLY E 78 27.24 -13.89 41.98
C GLY E 78 26.85 -14.49 40.65
N TYR E 79 27.85 -14.88 39.87
CA TYR E 79 27.64 -15.36 38.51
C TYR E 79 28.48 -16.60 38.22
N PRO E 80 27.85 -17.65 37.67
CA PRO E 80 26.43 -17.67 37.30
C PRO E 80 25.53 -17.93 38.50
N THR E 81 24.24 -17.64 38.33
CA THR E 81 23.24 -18.03 39.31
C THR E 81 22.18 -18.90 38.63
N LEU E 82 22.13 -20.16 39.03
CA LEU E 82 21.21 -21.13 38.44
C LEU E 82 20.00 -21.30 39.34
N LYS E 83 18.81 -21.04 38.82
CA LYS E 83 17.60 -21.16 39.61
C LYS E 83 16.50 -21.93 38.89
N LEU E 84 15.81 -22.78 39.64
CA LEU E 84 14.67 -23.52 39.10
C LEU E 84 13.36 -22.83 39.46
N PHE E 85 12.58 -22.49 38.45
CA PHE E 85 11.29 -21.87 38.66
C PHE E 85 10.17 -22.86 38.39
N LYS E 86 9.25 -22.97 39.34
CA LYS E 86 8.05 -23.76 39.17
C LYS E 86 6.84 -22.86 39.38
N PRO E 87 5.97 -22.76 38.36
CA PRO E 87 4.81 -21.86 38.39
C PRO E 87 3.94 -22.06 39.61
N GLY E 88 3.54 -20.97 40.26
CA GLY E 88 2.75 -21.04 41.48
C GLY E 88 3.60 -21.23 42.72
N GLN E 89 4.67 -22.01 42.59
CA GLN E 89 5.56 -22.28 43.70
C GLN E 89 6.70 -21.26 43.72
N GLU E 90 7.57 -21.37 44.71
CA GLU E 90 8.70 -20.45 44.83
C GLU E 90 9.97 -21.00 44.19
N ALA E 91 10.81 -20.10 43.69
CA ALA E 91 12.03 -20.48 42.99
C ALA E 91 13.05 -21.13 43.92
N VAL E 92 13.98 -21.87 43.34
CA VAL E 92 15.03 -22.54 44.09
C VAL E 92 16.39 -22.33 43.44
N LYS E 93 17.32 -21.77 44.20
CA LYS E 93 18.68 -21.58 43.73
C LYS E 93 19.46 -22.89 43.86
N TYR E 94 20.29 -23.19 42.87
CA TYR E 94 21.06 -24.44 42.89
C TYR E 94 22.54 -24.23 43.17
N GLN E 95 23.02 -24.80 44.27
CA GLN E 95 24.44 -24.87 44.55
C GLN E 95 24.88 -26.32 44.36
N GLY E 96 26.04 -26.52 43.73
CA GLY E 96 26.56 -27.86 43.52
C GLY E 96 27.43 -27.98 42.29
N PRO E 97 27.84 -29.21 41.97
CA PRO E 97 28.67 -29.51 40.79
C PRO E 97 27.97 -29.10 39.50
N ARG E 98 28.74 -28.54 38.55
CA ARG E 98 28.16 -28.02 37.32
C ARG E 98 28.31 -28.96 36.12
N ASP E 99 28.49 -30.25 36.41
CA ASP E 99 28.60 -31.24 35.34
C ASP E 99 27.22 -31.61 34.82
N PHE E 100 27.16 -32.11 33.59
CA PHE E 100 25.89 -32.38 32.91
C PHE E 100 25.02 -33.38 33.65
N GLN E 101 25.62 -34.46 34.13
CA GLN E 101 24.86 -35.53 34.78
C GLN E 101 24.24 -35.09 36.11
N THR E 102 25.01 -34.38 36.92
CA THR E 102 24.52 -33.93 38.22
C THR E 102 23.45 -32.85 38.08
N LEU E 103 23.69 -31.90 37.17
CA LEU E 103 22.71 -30.85 36.86
C LEU E 103 21.39 -31.46 36.42
N GLU E 104 21.47 -32.34 35.43
CA GLU E 104 20.30 -33.03 34.91
C GLU E 104 19.61 -33.82 36.02
N ASN E 105 20.41 -34.49 36.83
CA ASN E 105 19.90 -35.26 37.96
C ASN E 105 19.10 -34.40 38.93
N TRP E 106 19.74 -33.34 39.42
CA TRP E 106 19.10 -32.44 40.39
C TRP E 106 17.83 -31.79 39.84
N MET E 107 17.87 -31.41 38.57
CA MET E 107 16.72 -30.76 37.94
C MET E 107 15.50 -31.67 37.97
N LEU E 108 15.69 -32.91 37.55
CA LEU E 108 14.61 -33.88 37.51
C LEU E 108 14.08 -34.20 38.91
N GLN E 109 14.98 -34.21 39.90
CA GLN E 109 14.60 -34.49 41.27
C GLN E 109 13.65 -33.42 41.81
N THR E 110 14.04 -32.17 41.65
CA THR E 110 13.32 -31.05 42.21
C THR E 110 11.98 -30.81 41.51
N LEU E 111 11.83 -31.34 40.30
CA LEU E 111 10.57 -31.26 39.58
C LEU E 111 9.50 -32.11 40.26
N ASN E 112 9.93 -33.25 40.78
CA ASN E 112 9.03 -34.17 41.48
C ASN E 112 9.09 -33.99 43.00
N GLU E 113 8.34 -33.03 43.52
CA GLU E 113 8.28 -32.80 44.96
C GLU E 113 6.85 -32.94 45.46
N HIS F 3 34.29 4.68 -8.79
CA HIS F 3 34.04 6.10 -9.02
C HIS F 3 33.05 6.65 -8.00
N MET F 4 33.31 7.85 -7.50
CA MET F 4 32.45 8.50 -6.53
C MET F 4 31.20 9.07 -7.20
N SER F 5 31.15 8.98 -8.53
CA SER F 5 30.08 9.58 -9.30
C SER F 5 28.79 8.76 -9.31
N LYS F 6 28.90 7.45 -9.13
CA LYS F 6 27.73 6.58 -9.16
C LYS F 6 26.80 6.82 -7.97
N HIS F 7 25.49 6.68 -8.22
CA HIS F 7 24.47 6.81 -7.19
C HIS F 7 24.47 8.16 -6.45
N LEU F 8 24.89 9.21 -7.16
CA LEU F 8 24.79 10.56 -6.62
C LEU F 8 23.35 11.07 -6.68
N TYR F 9 22.94 11.77 -5.64
CA TYR F 9 21.62 12.39 -5.60
C TYR F 9 21.79 13.90 -5.60
N THR F 10 20.84 14.60 -6.22
CA THR F 10 20.75 16.05 -6.05
C THR F 10 20.13 16.31 -4.69
N ALA F 11 20.16 17.57 -4.24
CA ALA F 11 19.54 17.92 -2.97
C ALA F 11 18.04 17.66 -3.02
N ASP F 12 17.44 17.91 -4.19
CA ASP F 12 16.02 17.69 -4.39
C ASP F 12 15.67 16.21 -4.34
N MET F 13 16.49 15.39 -5.00
CA MET F 13 16.31 13.94 -4.99
C MET F 13 16.35 13.40 -3.57
N PHE F 14 17.31 13.88 -2.79
CA PHE F 14 17.46 13.43 -1.40
C PHE F 14 16.25 13.83 -0.56
N THR F 15 15.84 15.08 -0.66
CA THR F 15 14.72 15.61 0.11
C THR F 15 13.43 14.82 -0.14
N HIS F 16 13.15 14.52 -1.41
CA HIS F 16 11.93 13.80 -1.76
C HIS F 16 12.08 12.28 -1.62
N GLY F 17 13.29 11.77 -1.83
CA GLY F 17 13.54 10.35 -1.81
C GLY F 17 13.36 9.71 -0.45
N ILE F 18 13.83 10.40 0.59
CA ILE F 18 13.72 9.89 1.96
C ILE F 18 12.28 9.90 2.47
N GLN F 19 11.40 10.61 1.77
CA GLN F 19 9.97 10.65 2.09
CA GLN F 19 9.99 10.61 2.15
C GLN F 19 9.21 9.58 1.33
N SER F 20 9.80 9.11 0.24
CA SER F 20 9.14 8.15 -0.63
C SER F 20 9.49 6.70 -0.32
N ALA F 21 10.75 6.45 0.05
CA ALA F 21 11.21 5.10 0.32
C ALA F 21 12.47 5.11 1.16
N ALA F 22 12.75 3.97 1.79
CA ALA F 22 13.93 3.83 2.65
C ALA F 22 15.21 4.17 1.90
N HIS F 23 16.09 4.93 2.53
CA HIS F 23 17.36 5.30 1.92
C HIS F 23 18.55 5.14 2.87
N PHE F 24 19.53 4.38 2.43
CA PHE F 24 20.82 4.32 3.11
C PHE F 24 21.71 5.31 2.37
N VAL F 25 21.99 6.44 3.00
CA VAL F 25 22.71 7.53 2.33
C VAL F 25 24.10 7.75 2.88
N MET F 26 25.07 7.86 1.98
CA MET F 26 26.44 8.21 2.35
C MET F 26 26.65 9.71 2.14
N PHE F 27 26.96 10.41 3.23
CA PHE F 27 27.33 11.82 3.14
C PHE F 27 28.85 11.92 3.10
N PHE F 28 29.38 12.42 1.99
CA PHE F 28 30.82 12.34 1.77
C PHE F 28 31.41 13.63 1.23
N ALA F 29 32.74 13.61 1.07
CA ALA F 29 33.47 14.68 0.42
C ALA F 29 34.55 14.03 -0.43
N PRO F 30 34.84 14.61 -1.60
CA PRO F 30 35.90 14.08 -2.46
C PRO F 30 37.27 14.02 -1.77
N TRP F 31 37.55 14.93 -0.85
CA TRP F 31 38.84 14.95 -0.18
C TRP F 31 38.97 13.98 0.99
N CYS F 32 37.89 13.31 1.37
CA CYS F 32 37.96 12.39 2.50
C CYS F 32 38.51 11.01 2.13
N GLY F 33 39.64 10.64 2.72
CA GLY F 33 40.27 9.36 2.46
C GLY F 33 39.41 8.16 2.80
N HIS F 34 38.72 8.22 3.93
CA HIS F 34 37.82 7.14 4.32
C HIS F 34 36.65 6.99 3.36
N CYS F 35 36.17 8.10 2.82
CA CYS F 35 35.09 8.08 1.84
C CYS F 35 35.53 7.40 0.55
N GLN F 36 36.74 7.73 0.10
CA GLN F 36 37.28 7.17 -1.14
C GLN F 36 37.37 5.65 -1.09
N ARG F 37 37.71 5.11 0.08
CA ARG F 37 37.86 3.67 0.25
C ARG F 37 36.50 2.98 0.32
N LEU F 38 35.48 3.73 0.72
CA LEU F 38 34.15 3.18 0.87
C LEU F 38 33.39 3.16 -0.46
N GLN F 39 33.84 3.98 -1.41
CA GLN F 39 33.15 4.17 -2.69
C GLN F 39 32.75 2.89 -3.44
N PRO F 40 33.71 1.96 -3.68
CA PRO F 40 33.33 0.77 -4.45
C PRO F 40 32.43 -0.19 -3.69
N THR F 41 32.53 -0.19 -2.37
CA THR F 41 31.65 -1.03 -1.55
C THR F 41 30.23 -0.47 -1.61
N TRP F 42 30.13 0.85 -1.50
CA TRP F 42 28.84 1.53 -1.57
C TRP F 42 28.20 1.36 -2.94
N ASN F 43 29.02 1.38 -3.98
CA ASN F 43 28.55 1.15 -5.34
C ASN F 43 27.93 -0.24 -5.51
N ASP F 44 28.55 -1.22 -4.88
CA ASP F 44 28.05 -2.60 -4.93
C ASP F 44 26.69 -2.71 -4.23
N LEU F 45 26.51 -1.98 -3.14
CA LEU F 45 25.21 -1.94 -2.46
C LEU F 45 24.16 -1.33 -3.39
N GLY F 46 24.49 -0.19 -3.98
CA GLY F 46 23.60 0.49 -4.91
C GLY F 46 23.23 -0.36 -6.10
N ASP F 47 24.23 -0.95 -6.74
CA ASP F 47 24.01 -1.81 -7.89
C ASP F 47 23.06 -2.96 -7.56
N LYS F 48 23.17 -3.47 -6.34
CA LYS F 48 22.36 -4.61 -5.93
C LYS F 48 20.92 -4.22 -5.65
N TYR F 49 20.72 -3.08 -5.00
CA TYR F 49 19.40 -2.71 -4.49
C TYR F 49 18.63 -1.66 -5.30
N ASN F 50 19.34 -0.81 -6.03
CA ASN F 50 18.67 0.29 -6.73
C ASN F 50 17.94 -0.09 -8.02
N SER F 51 18.21 -1.29 -8.53
CA SER F 51 17.63 -1.70 -9.81
C SER F 51 16.33 -2.49 -9.65
N MET F 52 15.92 -2.71 -8.40
CA MET F 52 14.68 -3.43 -8.07
C MET F 52 14.56 -4.79 -8.77
N ALA F 55 11.15 -1.78 -4.69
CA ALA F 55 12.49 -1.92 -4.13
C ALA F 55 12.48 -1.71 -2.63
N LYS F 56 13.11 -2.64 -1.92
CA LYS F 56 13.14 -2.63 -0.46
C LYS F 56 13.76 -1.34 0.08
N VAL F 57 14.95 -1.02 -0.41
CA VAL F 57 15.69 0.13 0.07
C VAL F 57 16.54 0.69 -1.06
N TYR F 58 16.79 1.99 -1.03
CA TYR F 58 17.68 2.61 -2.01
C TYR F 58 18.99 3.08 -1.35
N VAL F 59 20.10 2.85 -2.05
CA VAL F 59 21.41 3.25 -1.56
C VAL F 59 21.93 4.43 -2.38
N ALA F 60 22.16 5.57 -1.72
CA ALA F 60 22.52 6.79 -2.42
C ALA F 60 23.67 7.55 -1.75
N LYS F 61 24.17 8.57 -2.44
CA LYS F 61 25.25 9.41 -1.92
C LYS F 61 24.88 10.88 -1.98
N VAL F 62 25.36 11.66 -1.01
CA VAL F 62 25.24 13.11 -1.07
C VAL F 62 26.60 13.76 -0.87
N ASP F 63 27.10 14.40 -1.92
CA ASP F 63 28.36 15.13 -1.88
C ASP F 63 28.19 16.45 -1.14
N CYS F 64 28.75 16.54 0.06
CA CYS F 64 28.59 17.72 0.90
C CYS F 64 29.17 18.98 0.28
N THR F 65 30.24 18.84 -0.49
CA THR F 65 30.83 19.99 -1.18
C THR F 65 29.88 20.55 -2.23
N ALA F 66 28.90 19.74 -2.64
CA ALA F 66 27.89 20.17 -3.59
C ALA F 66 26.60 20.60 -2.89
N HIS F 67 26.34 20.03 -1.72
CA HIS F 67 25.10 20.29 -1.00
C HIS F 67 25.35 20.48 0.49
N SER F 68 26.14 21.50 0.83
CA SER F 68 26.52 21.75 2.22
C SER F 68 25.31 22.06 3.10
N ASP F 69 24.32 22.72 2.51
CA ASP F 69 23.07 23.00 3.20
C ASP F 69 22.38 21.71 3.66
N VAL F 70 22.41 20.70 2.81
CA VAL F 70 21.83 19.41 3.14
C VAL F 70 22.59 18.71 4.27
N CYS F 71 23.91 18.71 4.18
CA CYS F 71 24.73 18.12 5.23
C CYS F 71 24.61 18.88 6.55
N SER F 72 24.42 20.19 6.45
CA SER F 72 24.20 21.01 7.64
C SER F 72 22.90 20.60 8.32
N ALA F 73 21.84 20.49 7.53
CA ALA F 73 20.53 20.15 8.06
C ALA F 73 20.48 18.74 8.64
N GLN F 74 21.34 17.86 8.12
CA GLN F 74 21.36 16.48 8.57
C GLN F 74 22.34 16.25 9.72
N GLY F 75 22.88 17.35 10.25
CA GLY F 75 23.77 17.30 11.40
C GLY F 75 25.01 16.45 11.20
N VAL F 76 25.54 16.46 9.99
CA VAL F 76 26.66 15.61 9.63
C VAL F 76 27.93 15.96 10.40
N ARG F 77 28.45 14.98 11.13
CA ARG F 77 29.69 15.14 11.88
C ARG F 77 30.72 14.09 11.43
N GLY F 78 31.77 14.54 10.76
CA GLY F 78 32.78 13.63 10.25
C GLY F 78 32.36 12.98 8.93
N TYR F 79 33.34 12.41 8.23
CA TYR F 79 33.11 11.84 6.91
C TYR F 79 33.82 10.51 6.76
N PRO F 80 33.12 9.49 6.23
CA PRO F 80 31.73 9.60 5.77
C PRO F 80 30.73 9.51 6.91
N THR F 81 29.54 10.09 6.71
CA THR F 81 28.42 9.87 7.62
C THR F 81 27.38 9.02 6.91
N LEU F 82 27.06 7.88 7.51
CA LEU F 82 26.10 6.94 6.94
C LEU F 82 24.82 6.94 7.74
N LYS F 83 23.70 7.26 7.08
CA LYS F 83 22.41 7.30 7.75
C LYS F 83 21.36 6.48 6.98
N LEU F 84 20.56 5.73 7.73
CA LEU F 84 19.44 4.98 7.15
C LEU F 84 18.12 5.71 7.39
N PHE F 85 17.50 6.17 6.31
CA PHE F 85 16.25 6.90 6.43
C PHE F 85 15.06 6.00 6.17
N LYS F 86 14.00 6.21 6.94
CA LYS F 86 12.76 5.47 6.75
C LYS F 86 11.60 6.45 6.84
N PRO F 87 10.76 6.51 5.79
CA PRO F 87 9.64 7.45 5.73
C PRO F 87 8.73 7.33 6.94
N GLY F 88 8.52 8.44 7.63
CA GLY F 88 7.66 8.47 8.81
C GLY F 88 8.36 8.08 10.09
N GLN F 89 9.65 7.79 10.01
CA GLN F 89 10.43 7.38 11.18
C GLN F 89 11.72 8.17 11.32
N GLU F 90 12.31 8.12 12.51
CA GLU F 90 13.57 8.80 12.78
C GLU F 90 14.74 8.13 12.08
N ALA F 91 15.65 8.94 11.54
CA ALA F 91 16.82 8.41 10.86
C ALA F 91 17.81 7.81 11.85
N VAL F 92 18.62 6.86 11.38
CA VAL F 92 19.59 6.17 12.22
C VAL F 92 20.99 6.24 11.61
N LYS F 93 21.94 6.81 12.35
CA LYS F 93 23.31 6.84 11.89
C LYS F 93 24.00 5.51 12.15
N TYR F 94 24.61 4.95 11.11
CA TYR F 94 25.37 3.72 11.25
C TYR F 94 26.77 4.02 11.79
N GLN F 95 27.27 3.15 12.66
CA GLN F 95 28.51 3.41 13.37
C GLN F 95 29.49 2.24 13.33
N GLY F 96 29.04 1.09 12.83
CA GLY F 96 29.86 -0.11 12.83
C GLY F 96 30.89 -0.19 11.72
N PRO F 97 31.54 -1.34 11.56
CA PRO F 97 32.53 -1.57 10.50
C PRO F 97 31.89 -1.49 9.12
N ARG F 98 32.69 -1.16 8.11
CA ARG F 98 32.15 -0.81 6.80
C ARG F 98 32.44 -1.81 5.69
N ASP F 99 32.47 -3.10 6.02
CA ASP F 99 32.58 -4.13 4.99
C ASP F 99 31.18 -4.42 4.46
N PHE F 100 31.10 -4.90 3.21
CA PHE F 100 29.82 -5.10 2.54
C PHE F 100 28.83 -5.94 3.34
N GLN F 101 29.28 -7.10 3.79
CA GLN F 101 28.42 -8.05 4.50
C GLN F 101 27.83 -7.45 5.77
N THR F 102 28.66 -6.79 6.57
CA THR F 102 28.20 -6.15 7.80
C THR F 102 27.26 -5.00 7.49
N LEU F 103 27.62 -4.20 6.47
CA LEU F 103 26.77 -3.08 6.05
C LEU F 103 25.40 -3.58 5.60
N GLU F 104 25.38 -4.61 4.76
CA GLU F 104 24.13 -5.16 4.28
C GLU F 104 23.30 -5.76 5.41
N ASN F 105 23.94 -6.57 6.25
CA ASN F 105 23.25 -7.22 7.36
C ASN F 105 22.58 -6.22 8.30
N TRP F 106 23.30 -5.14 8.62
CA TRP F 106 22.76 -4.10 9.50
C TRP F 106 21.60 -3.38 8.83
N MET F 107 21.77 -3.07 7.56
CA MET F 107 20.75 -2.38 6.78
C MET F 107 19.46 -3.19 6.74
N LEU F 108 19.57 -4.45 6.37
CA LEU F 108 18.41 -5.33 6.26
C LEU F 108 17.68 -5.47 7.60
N GLN F 109 18.44 -5.53 8.68
CA GLN F 109 17.85 -5.69 10.00
C GLN F 109 17.18 -4.40 10.49
N THR F 110 17.81 -3.27 10.19
CA THR F 110 17.31 -1.98 10.69
C THR F 110 16.04 -1.55 9.96
N LEU F 111 15.87 -2.04 8.73
CA LEU F 111 14.66 -1.77 7.97
C LEU F 111 13.44 -2.43 8.61
N ASN F 112 13.67 -3.53 9.31
CA ASN F 112 12.58 -4.30 9.90
C ASN F 112 12.17 -3.80 11.28
N GLU F 113 12.83 -2.75 11.75
CA GLU F 113 12.54 -2.17 13.06
C GLU F 113 11.90 -0.79 12.96
N HIS G 3 -20.05 -0.55 31.75
CA HIS G 3 -18.61 -0.54 31.97
C HIS G 3 -18.25 -0.66 33.45
N MET G 4 -18.97 0.10 34.27
CA MET G 4 -18.66 0.17 35.70
C MET G 4 -18.92 -1.15 36.44
N SER G 5 -19.94 -1.89 36.00
CA SER G 5 -20.36 -3.09 36.71
C SER G 5 -19.54 -4.33 36.34
N LYS G 6 -18.74 -4.24 35.28
CA LYS G 6 -17.96 -5.39 34.82
C LYS G 6 -16.91 -5.79 35.85
N HIS G 7 -16.73 -7.11 36.01
CA HIS G 7 -15.75 -7.67 36.94
C HIS G 7 -15.97 -7.25 38.39
N LEU G 8 -17.23 -6.97 38.74
CA LEU G 8 -17.58 -6.59 40.10
C LEU G 8 -17.62 -7.81 41.02
N TYR G 9 -17.07 -7.66 42.21
CA TYR G 9 -17.11 -8.72 43.23
C TYR G 9 -17.98 -8.29 44.40
N THR G 10 -18.74 -9.23 44.95
CA THR G 10 -19.39 -9.00 46.23
C THR G 10 -18.31 -9.14 47.29
N ALA G 11 -18.60 -8.68 48.49
CA ALA G 11 -17.64 -8.78 49.60
C ALA G 11 -17.28 -10.24 49.86
N ASP G 12 -18.26 -11.12 49.66
CA ASP G 12 -18.06 -12.55 49.86
C ASP G 12 -17.11 -13.12 48.80
N MET G 13 -17.24 -12.64 47.57
CA MET G 13 -16.38 -13.07 46.47
C MET G 13 -14.93 -12.62 46.66
N PHE G 14 -14.76 -11.43 47.23
CA PHE G 14 -13.43 -10.91 47.49
C PHE G 14 -12.71 -11.71 48.58
N THR G 15 -13.44 -12.04 49.64
CA THR G 15 -12.88 -12.75 50.79
C THR G 15 -12.33 -14.11 50.39
N HIS G 16 -13.08 -14.83 49.57
CA HIS G 16 -12.69 -16.16 49.14
C HIS G 16 -11.80 -16.15 47.90
N GLY G 17 -12.05 -15.18 47.02
CA GLY G 17 -11.29 -15.06 45.79
C GLY G 17 -9.81 -14.83 46.01
N ILE G 18 -9.47 -14.01 47.00
CA ILE G 18 -8.06 -13.71 47.28
C ILE G 18 -7.38 -14.83 48.05
N GLN G 19 -8.15 -15.85 48.43
CA GLN G 19 -7.58 -17.02 49.09
C GLN G 19 -7.40 -18.16 48.11
N SER G 20 -8.13 -18.12 47.00
CA SER G 20 -8.15 -19.22 46.04
C SER G 20 -7.25 -18.97 44.82
N ALA G 21 -6.99 -17.71 44.51
CA ALA G 21 -6.16 -17.36 43.37
C ALA G 21 -5.61 -15.94 43.50
N ALA G 22 -4.62 -15.63 42.67
CA ALA G 22 -4.05 -14.29 42.65
C ALA G 22 -5.08 -13.28 42.14
N HIS G 23 -5.20 -12.16 42.85
CA HIS G 23 -6.18 -11.14 42.48
C HIS G 23 -5.60 -9.74 42.46
N PHE G 24 -5.69 -9.09 41.31
CA PHE G 24 -5.38 -7.67 41.18
C PHE G 24 -6.70 -6.93 41.32
N VAL G 25 -6.90 -6.29 42.47
CA VAL G 25 -8.21 -5.73 42.82
C VAL G 25 -8.22 -4.21 42.81
N MET G 26 -9.25 -3.64 42.18
CA MET G 26 -9.46 -2.20 42.16
C MET G 26 -10.55 -1.78 43.14
N PHE G 27 -10.14 -1.10 44.21
CA PHE G 27 -11.09 -0.53 45.16
C PHE G 27 -11.46 0.88 44.69
N PHE G 28 -12.74 1.10 44.41
CA PHE G 28 -13.16 2.32 43.72
C PHE G 28 -14.47 2.89 44.26
N ALA G 29 -14.86 4.05 43.70
CA ALA G 29 -16.11 4.71 44.03
C ALA G 29 -16.69 5.34 42.76
N PRO G 30 -18.02 5.37 42.64
CA PRO G 30 -18.66 5.90 41.44
C PRO G 30 -18.36 7.38 41.20
N TRP G 31 -18.17 8.14 42.28
CA TRP G 31 -17.95 9.58 42.18
C TRP G 31 -16.51 9.97 41.88
N CYS G 32 -15.62 8.99 41.86
CA CYS G 32 -14.21 9.28 41.61
C CYS G 32 -13.89 9.39 40.12
N GLY G 33 -13.39 10.55 39.72
CA GLY G 33 -13.05 10.80 38.32
C GLY G 33 -11.86 9.98 37.84
N HIS G 34 -10.96 9.64 38.75
CA HIS G 34 -9.82 8.79 38.42
C HIS G 34 -10.30 7.37 38.10
N CYS G 35 -11.25 6.89 38.90
CA CYS G 35 -11.81 5.56 38.72
C CYS G 35 -12.60 5.47 37.42
N GLN G 36 -13.38 6.50 37.13
CA GLN G 36 -14.21 6.55 35.92
C GLN G 36 -13.36 6.43 34.66
N ARG G 37 -12.18 7.05 34.69
CA ARG G 37 -11.29 7.03 33.54
C ARG G 37 -10.43 5.79 33.51
N LEU G 38 -10.44 5.03 34.59
CA LEU G 38 -9.66 3.80 34.67
C LEU G 38 -10.50 2.59 34.25
N GLN G 39 -11.82 2.69 34.42
CA GLN G 39 -12.75 1.60 34.08
C GLN G 39 -12.49 0.87 32.75
N PRO G 40 -12.37 1.61 31.63
CA PRO G 40 -12.21 0.89 30.35
C PRO G 40 -10.90 0.12 30.26
N THR G 41 -9.88 0.60 30.96
CA THR G 41 -8.58 -0.08 30.97
C THR G 41 -8.62 -1.30 31.88
N TRP G 42 -9.23 -1.16 33.05
CA TRP G 42 -9.38 -2.28 33.98
C TRP G 42 -10.23 -3.37 33.35
N ASN G 43 -11.28 -2.96 32.64
CA ASN G 43 -12.16 -3.90 31.95
C ASN G 43 -11.42 -4.67 30.86
N ASP G 44 -10.56 -3.98 30.11
CA ASP G 44 -9.76 -4.64 29.09
C ASP G 44 -8.78 -5.62 29.73
N LEU G 45 -8.23 -5.23 30.87
CA LEU G 45 -7.30 -6.07 31.61
C LEU G 45 -8.03 -7.31 32.11
N GLY G 46 -9.30 -7.13 32.49
CA GLY G 46 -10.12 -8.22 33.02
C GLY G 46 -10.59 -9.18 31.94
N ASP G 47 -11.03 -8.63 30.81
CA ASP G 47 -11.48 -9.45 29.69
C ASP G 47 -10.35 -10.35 29.22
N LYS G 48 -9.13 -9.82 29.23
CA LYS G 48 -7.95 -10.55 28.79
C LYS G 48 -7.57 -11.68 29.76
N TYR G 49 -7.80 -11.46 31.05
CA TYR G 49 -7.27 -12.38 32.06
C TYR G 49 -8.29 -13.27 32.77
N ASN G 50 -9.50 -12.78 33.00
CA ASN G 50 -10.50 -13.54 33.74
C ASN G 50 -11.02 -14.76 33.00
N SER G 51 -10.78 -14.81 31.69
CA SER G 51 -11.32 -15.89 30.86
C SER G 51 -10.26 -16.91 30.44
N MET G 52 -9.06 -16.79 30.98
CA MET G 52 -8.00 -17.75 30.69
C MET G 52 -8.24 -19.05 31.45
N GLU G 53 -7.63 -20.13 30.97
CA GLU G 53 -7.76 -21.43 31.63
C GLU G 53 -6.87 -21.50 32.88
N LYS G 56 -4.29 -18.39 36.63
CA LYS G 56 -3.19 -17.44 36.78
C LYS G 56 -3.51 -16.34 37.77
N VAL G 57 -4.10 -15.27 37.26
CA VAL G 57 -4.47 -14.13 38.09
C VAL G 57 -5.82 -13.58 37.62
N TYR G 58 -6.62 -13.08 38.56
CA TYR G 58 -7.93 -12.53 38.22
C TYR G 58 -7.99 -11.04 38.51
N VAL G 59 -8.77 -10.33 37.70
CA VAL G 59 -8.93 -8.89 37.85
C VAL G 59 -10.34 -8.57 38.34
N ALA G 60 -10.43 -7.84 39.44
CA ALA G 60 -11.72 -7.60 40.09
C ALA G 60 -11.87 -6.17 40.59
N LYS G 61 -13.10 -5.81 40.96
CA LYS G 61 -13.40 -4.49 41.50
C LYS G 61 -14.23 -4.62 42.76
N VAL G 62 -13.98 -3.73 43.72
CA VAL G 62 -14.82 -3.63 44.90
C VAL G 62 -15.34 -2.20 45.05
N ASP G 63 -16.65 -2.04 44.93
CA ASP G 63 -17.28 -0.74 45.11
C ASP G 63 -17.30 -0.38 46.59
N CYS G 64 -16.59 0.69 46.95
CA CYS G 64 -16.48 1.09 48.35
C CYS G 64 -17.79 1.64 48.92
N THR G 65 -18.58 2.28 48.07
CA THR G 65 -19.88 2.80 48.51
C THR G 65 -20.85 1.68 48.84
N ALA G 66 -20.54 0.47 48.36
CA ALA G 66 -21.36 -0.70 48.63
C ALA G 66 -20.75 -1.56 49.73
N HIS G 67 -19.43 -1.56 49.82
CA HIS G 67 -18.72 -2.36 50.83
C HIS G 67 -17.66 -1.53 51.53
N SER G 68 -18.08 -0.53 52.30
CA SER G 68 -17.14 0.35 52.99
C SER G 68 -16.37 -0.41 54.07
N ASP G 69 -16.99 -1.44 54.63
CA ASP G 69 -16.34 -2.26 55.65
C ASP G 69 -15.14 -3.02 55.08
N VAL G 70 -15.23 -3.40 53.82
CA VAL G 70 -14.14 -4.10 53.13
C VAL G 70 -13.00 -3.13 52.83
N CYS G 71 -13.33 -1.94 52.36
CA CYS G 71 -12.34 -0.93 52.04
C CYS G 71 -11.59 -0.47 53.29
N SER G 72 -12.33 -0.31 54.38
CA SER G 72 -11.74 0.07 55.65
C SER G 72 -10.76 -1.00 56.12
N ALA G 73 -11.13 -2.26 55.91
CA ALA G 73 -10.31 -3.38 56.34
C ALA G 73 -9.05 -3.54 55.49
N GLN G 74 -9.11 -3.06 54.25
CA GLN G 74 -7.97 -3.16 53.35
C GLN G 74 -7.13 -1.89 53.32
N GLY G 75 -7.33 -1.02 54.30
CA GLY G 75 -6.56 0.19 54.45
C GLY G 75 -6.59 1.11 53.24
N VAL G 76 -7.74 1.18 52.59
CA VAL G 76 -7.90 1.99 51.38
C VAL G 76 -7.63 3.46 51.65
N ARG G 77 -6.70 4.04 50.89
CA ARG G 77 -6.39 5.45 50.98
C ARG G 77 -6.37 6.07 49.58
N GLY G 78 -7.35 6.93 49.30
CA GLY G 78 -7.48 7.52 47.99
C GLY G 78 -8.13 6.57 47.00
N TYR G 79 -8.63 7.12 45.88
CA TYR G 79 -9.37 6.33 44.92
C TYR G 79 -8.89 6.62 43.50
N PRO G 80 -8.58 5.57 42.73
CA PRO G 80 -8.72 4.17 43.17
C PRO G 80 -7.55 3.69 44.02
N THR G 81 -7.76 2.58 44.71
CA THR G 81 -6.66 1.87 45.36
C THR G 81 -6.50 0.50 44.70
N LEU G 82 -5.32 0.27 44.14
CA LEU G 82 -5.07 -0.96 43.38
C LEU G 82 -4.14 -1.87 44.18
N LYS G 83 -4.65 -3.06 44.53
CA LYS G 83 -3.86 -4.00 45.32
C LYS G 83 -3.82 -5.39 44.69
N LEU G 84 -2.61 -5.95 44.58
CA LEU G 84 -2.45 -7.31 44.11
C LEU G 84 -2.44 -8.30 45.27
N PHE G 85 -3.34 -9.27 45.21
CA PHE G 85 -3.47 -10.26 46.27
C PHE G 85 -2.98 -11.62 45.81
N LYS G 86 -1.95 -12.12 46.45
CA LYS G 86 -1.47 -13.47 46.20
C LYS G 86 -1.69 -14.31 47.45
N PRO G 87 -2.33 -15.49 47.28
CA PRO G 87 -2.69 -16.35 48.41
C PRO G 87 -1.49 -16.77 49.26
N GLY G 88 -1.61 -16.58 50.57
CA GLY G 88 -0.55 -16.95 51.49
C GLY G 88 0.43 -15.82 51.76
N GLN G 89 0.44 -14.82 50.89
CA GLN G 89 1.40 -13.73 50.99
C GLN G 89 0.73 -12.38 51.27
N GLU G 90 1.55 -11.40 51.65
CA GLU G 90 1.07 -10.06 51.94
C GLU G 90 0.65 -9.33 50.67
N ALA G 91 -0.47 -8.63 50.73
CA ALA G 91 -0.98 -7.89 49.59
C ALA G 91 -0.06 -6.72 49.27
N VAL G 92 -0.06 -6.29 48.01
CA VAL G 92 0.79 -5.20 47.56
C VAL G 92 -0.02 -4.09 46.89
N LYS G 93 0.14 -2.87 47.38
CA LYS G 93 -0.55 -1.71 46.82
C LYS G 93 0.25 -1.12 45.66
N TYR G 94 -0.38 -0.99 44.50
CA TYR G 94 0.29 -0.43 43.33
C TYR G 94 0.17 1.10 43.29
N GLN G 95 1.25 1.77 42.89
CA GLN G 95 1.31 3.23 42.97
C GLN G 95 1.65 3.94 41.66
N GLY G 96 2.20 3.20 40.69
CA GLY G 96 2.66 3.81 39.46
C GLY G 96 1.57 4.24 38.48
N PRO G 97 1.97 4.61 37.24
CA PRO G 97 1.07 5.00 36.16
C PRO G 97 -0.03 3.96 35.87
N ARG G 98 -1.15 4.41 35.33
CA ARG G 98 -2.34 3.57 35.20
C ARG G 98 -2.66 3.14 33.77
N ASP G 99 -1.75 3.39 32.83
CA ASP G 99 -1.96 2.93 31.46
C ASP G 99 -1.93 1.40 31.41
N PHE G 100 -2.55 0.84 30.38
CA PHE G 100 -2.73 -0.60 30.26
C PHE G 100 -1.43 -1.39 30.40
N GLN G 101 -0.48 -1.17 29.49
CA GLN G 101 0.74 -1.96 29.43
C GLN G 101 1.57 -1.87 30.72
N THR G 102 1.55 -0.71 31.36
CA THR G 102 2.30 -0.53 32.60
C THR G 102 1.68 -1.34 33.73
N LEU G 103 0.35 -1.29 33.85
CA LEU G 103 -0.37 -2.08 34.82
C LEU G 103 -0.07 -3.58 34.65
N GLU G 104 -0.17 -4.05 33.40
CA GLU G 104 0.02 -5.46 33.10
C GLU G 104 1.43 -5.92 33.45
N ASN G 105 2.43 -5.16 33.01
CA ASN G 105 3.83 -5.49 33.29
C ASN G 105 4.10 -5.60 34.79
N TRP G 106 3.60 -4.63 35.55
CA TRP G 106 3.77 -4.65 37.00
C TRP G 106 3.09 -5.88 37.61
N MET G 107 1.87 -6.16 37.14
CA MET G 107 1.12 -7.31 37.63
C MET G 107 1.87 -8.60 37.38
N LEU G 108 2.32 -8.79 36.16
CA LEU G 108 3.06 -9.99 35.78
C LEU G 108 4.38 -10.09 36.53
N GLN G 109 5.08 -8.97 36.63
CA GLN G 109 6.36 -8.93 37.33
C GLN G 109 6.21 -9.27 38.81
N THR G 110 5.19 -8.71 39.45
CA THR G 110 4.96 -8.91 40.89
C THR G 110 4.61 -10.36 41.19
N LEU G 111 3.87 -11.00 40.29
CA LEU G 111 3.51 -12.41 40.45
C LEU G 111 4.74 -13.31 40.53
N ASN G 112 5.83 -12.89 39.90
CA ASN G 112 7.07 -13.65 39.92
C ASN G 112 7.99 -13.26 41.07
N GLU G 113 7.45 -12.50 42.01
CA GLU G 113 8.22 -12.04 43.17
C GLU G 113 7.69 -12.66 44.46
N MET H 4 -17.80 -26.75 32.03
CA MET H 4 -17.94 -25.51 32.80
C MET H 4 -18.83 -24.50 32.08
N SER H 5 -18.73 -24.47 30.75
CA SER H 5 -19.59 -23.62 29.94
C SER H 5 -20.99 -24.21 29.87
N LYS H 6 -21.09 -25.50 30.21
CA LYS H 6 -22.33 -26.25 30.10
C LYS H 6 -23.34 -25.85 31.16
N HIS H 7 -24.60 -25.72 30.74
CA HIS H 7 -25.72 -25.41 31.64
C HIS H 7 -25.61 -24.05 32.33
N LEU H 8 -24.97 -23.09 31.68
CA LEU H 8 -24.90 -21.74 32.22
C LEU H 8 -26.22 -21.01 32.03
N TYR H 9 -26.60 -20.24 33.05
CA TYR H 9 -27.80 -19.43 32.98
C TYR H 9 -27.43 -17.94 32.98
N THR H 10 -28.15 -17.15 32.19
CA THR H 10 -28.04 -15.70 32.32
C THR H 10 -28.78 -15.30 33.59
N ALA H 11 -28.51 -14.11 34.10
CA ALA H 11 -29.23 -13.61 35.27
C ALA H 11 -30.73 -13.62 35.01
N ASP H 12 -31.09 -13.25 33.77
CA ASP H 12 -32.49 -13.23 33.36
C ASP H 12 -33.08 -14.64 33.33
N MET H 13 -32.26 -15.62 32.95
CA MET H 13 -32.70 -17.02 32.95
C MET H 13 -32.94 -17.49 34.37
N PHE H 14 -32.05 -17.11 35.28
CA PHE H 14 -32.17 -17.49 36.68
C PHE H 14 -33.44 -16.92 37.30
N THR H 15 -33.71 -15.65 37.02
CA THR H 15 -34.87 -14.96 37.57
C THR H 15 -36.20 -15.63 37.21
N HIS H 16 -36.42 -15.83 35.91
CA HIS H 16 -37.67 -16.43 35.45
C HIS H 16 -37.71 -17.94 35.66
N GLY H 17 -36.55 -18.58 35.55
CA GLY H 17 -36.45 -20.02 35.72
C GLY H 17 -36.93 -20.52 37.07
N ILE H 18 -36.45 -19.90 38.14
CA ILE H 18 -36.80 -20.33 39.49
C ILE H 18 -38.26 -20.06 39.82
N GLN H 19 -38.92 -19.21 39.05
CA GLN H 19 -40.33 -18.93 39.25
C GLN H 19 -41.19 -19.87 38.43
N SER H 20 -40.68 -20.29 37.27
CA SER H 20 -41.44 -21.12 36.35
C SER H 20 -41.38 -22.61 36.70
N ALA H 21 -40.22 -23.05 37.21
CA ALA H 21 -40.04 -24.45 37.58
C ALA H 21 -38.95 -24.61 38.64
N ALA H 22 -38.90 -25.79 39.25
CA ALA H 22 -37.90 -26.08 40.27
C ALA H 22 -36.48 -26.09 39.67
N HIS H 23 -35.51 -25.64 40.46
CA HIS H 23 -34.13 -25.58 39.98
C HIS H 23 -33.13 -25.95 41.06
N PHE H 24 -32.18 -26.82 40.72
CA PHE H 24 -31.02 -27.06 41.58
C PHE H 24 -29.84 -26.29 40.98
N VAL H 25 -29.44 -25.22 41.65
CA VAL H 25 -28.50 -24.27 41.06
C VAL H 25 -27.13 -24.22 41.76
N MET H 26 -26.08 -24.22 40.96
CA MET H 26 -24.70 -24.11 41.45
C MET H 26 -24.19 -22.69 41.28
N PHE H 27 -23.93 -22.01 42.39
CA PHE H 27 -23.31 -20.67 42.36
C PHE H 27 -21.81 -20.80 42.51
N PHE H 28 -21.08 -20.52 41.44
CA PHE H 28 -19.66 -20.81 41.43
C PHE H 28 -18.80 -19.64 40.93
N ALA H 29 -17.50 -19.81 41.06
CA ALA H 29 -16.52 -18.90 40.48
C ALA H 29 -15.41 -19.73 39.87
N PRO H 30 -14.86 -19.28 38.74
CA PRO H 30 -13.78 -20.01 38.04
C PRO H 30 -12.59 -20.34 38.93
N TRP H 31 -12.29 -19.49 39.91
CA TRP H 31 -11.08 -19.66 40.73
C TRP H 31 -11.20 -20.65 41.89
N CYS H 32 -12.40 -21.11 42.18
CA CYS H 32 -12.62 -21.99 43.32
C CYS H 32 -12.26 -23.45 43.03
N GLY H 33 -11.43 -24.03 43.91
CA GLY H 33 -10.97 -25.40 43.73
C GLY H 33 -12.07 -26.44 43.80
N HIS H 34 -13.00 -26.27 44.73
CA HIS H 34 -14.10 -27.22 44.88
C HIS H 34 -15.09 -27.09 43.72
N CYS H 35 -15.24 -25.88 43.21
CA CYS H 35 -16.13 -25.63 42.07
C CYS H 35 -15.67 -26.37 40.82
N GLN H 36 -14.38 -26.26 40.53
CA GLN H 36 -13.80 -26.92 39.36
C GLN H 36 -14.05 -28.43 39.38
N ARG H 37 -13.83 -29.04 40.53
CA ARG H 37 -13.99 -30.49 40.68
C ARG H 37 -15.44 -30.93 40.61
N LEU H 38 -16.37 -29.99 40.75
CA LEU H 38 -17.79 -30.32 40.75
C LEU H 38 -18.42 -30.22 39.37
N GLN H 39 -17.79 -29.43 38.49
CA GLN H 39 -18.32 -29.15 37.16
C GLN H 39 -18.78 -30.37 36.34
N PRO H 40 -17.92 -31.41 36.21
CA PRO H 40 -18.38 -32.55 35.40
C PRO H 40 -19.51 -33.33 36.08
N THR H 41 -19.45 -33.41 37.40
CA THR H 41 -20.47 -34.11 38.16
C THR H 41 -21.80 -33.37 38.02
N TRP H 42 -21.73 -32.05 38.05
CA TRP H 42 -22.91 -31.21 37.92
C TRP H 42 -23.44 -31.29 36.49
N ASN H 43 -22.53 -31.33 35.53
CA ASN H 43 -22.90 -31.46 34.13
C ASN H 43 -23.65 -32.75 33.84
N ASP H 44 -23.33 -33.81 34.59
CA ASP H 44 -23.99 -35.10 34.42
C ASP H 44 -25.42 -35.09 34.96
N LEU H 45 -25.63 -34.39 36.08
CA LEU H 45 -26.97 -34.20 36.62
C LEU H 45 -27.83 -33.46 35.60
N GLY H 46 -27.26 -32.39 35.05
CA GLY H 46 -27.95 -31.59 34.04
C GLY H 46 -28.28 -32.37 32.78
N ASP H 47 -27.30 -33.13 32.30
CA ASP H 47 -27.50 -33.94 31.10
C ASP H 47 -28.64 -34.94 31.28
N LYS H 48 -28.78 -35.45 32.49
CA LYS H 48 -29.82 -36.45 32.79
C LYS H 48 -31.19 -35.83 32.97
N TYR H 49 -31.27 -34.74 33.71
CA TYR H 49 -32.56 -34.18 34.12
C TYR H 49 -33.10 -33.05 33.24
N ASN H 50 -32.22 -32.23 32.66
CA ASN H 50 -32.66 -31.11 31.84
C ASN H 50 -33.33 -31.55 30.55
N SER H 51 -32.79 -32.60 29.93
CA SER H 51 -33.35 -33.13 28.70
C SER H 51 -34.33 -34.24 28.98
N MET H 52 -35.18 -34.05 29.99
CA MET H 52 -36.20 -35.03 30.33
C MET H 52 -37.58 -34.58 29.85
N GLU H 53 -38.38 -35.54 29.44
CA GLU H 53 -39.78 -35.31 29.09
C GLU H 53 -40.56 -34.95 30.35
N ASP H 54 -41.42 -33.93 30.24
CA ASP H 54 -42.14 -33.34 31.39
C ASP H 54 -41.30 -33.24 32.66
N ALA H 55 -40.25 -32.43 32.60
CA ALA H 55 -39.27 -32.33 33.69
C ALA H 55 -39.86 -31.75 34.98
N LYS H 56 -39.40 -32.28 36.11
CA LYS H 56 -39.83 -31.81 37.42
C LYS H 56 -38.83 -30.81 37.97
N VAL H 57 -37.57 -31.00 37.61
CA VAL H 57 -36.48 -30.16 38.10
C VAL H 57 -35.48 -29.87 36.99
N TYR H 58 -34.87 -28.69 37.03
CA TYR H 58 -33.82 -28.33 36.09
C TYR H 58 -32.52 -28.09 36.85
N VAL H 59 -31.40 -28.45 36.22
CA VAL H 59 -30.10 -28.27 36.84
C VAL H 59 -29.32 -27.18 36.10
N ALA H 60 -28.96 -26.13 36.82
CA ALA H 60 -28.41 -24.93 36.22
C ALA H 60 -27.16 -24.40 36.93
N LYS H 61 -26.52 -23.41 36.33
CA LYS H 61 -25.33 -22.79 36.90
C LYS H 61 -25.42 -21.26 36.84
N VAL H 62 -24.78 -20.60 37.81
CA VAL H 62 -24.62 -19.16 37.76
C VAL H 62 -23.18 -18.78 38.11
N ASP H 63 -22.46 -18.24 37.13
CA ASP H 63 -21.10 -17.76 37.36
C ASP H 63 -21.16 -16.45 38.14
N CYS H 64 -20.61 -16.46 39.35
CA CYS H 64 -20.67 -15.30 40.23
C CYS H 64 -19.82 -14.12 39.74
N THR H 65 -18.75 -14.42 39.04
CA THR H 65 -17.90 -13.37 38.48
C THR H 65 -18.62 -12.67 37.33
N ALA H 66 -19.59 -13.36 36.74
CA ALA H 66 -20.40 -12.79 35.67
C ALA H 66 -21.65 -12.12 36.22
N HIS H 67 -22.12 -12.58 37.39
CA HIS H 67 -23.34 -12.05 37.99
C HIS H 67 -23.21 -11.89 39.50
N SER H 68 -22.42 -10.91 39.93
CA SER H 68 -22.22 -10.66 41.35
C SER H 68 -23.51 -10.18 42.01
N ASP H 69 -24.33 -9.45 41.27
CA ASP H 69 -25.59 -8.95 41.80
C ASP H 69 -26.54 -10.09 42.17
N VAL H 70 -26.56 -11.14 41.36
CA VAL H 70 -27.41 -12.30 41.61
C VAL H 70 -26.93 -13.07 42.84
N CYS H 71 -25.63 -13.34 42.90
CA CYS H 71 -25.06 -14.08 44.03
C CYS H 71 -25.27 -13.32 45.35
N SER H 72 -25.17 -12.00 45.29
CA SER H 72 -25.41 -11.15 46.45
C SER H 72 -26.85 -11.25 46.92
N ALA H 73 -27.78 -11.16 45.96
CA ALA H 73 -29.21 -11.20 46.24
C ALA H 73 -29.65 -12.55 46.76
N GLN H 74 -28.87 -13.59 46.44
CA GLN H 74 -29.17 -14.94 46.91
C GLN H 74 -28.41 -15.25 48.18
N GLY H 75 -27.76 -14.23 48.75
CA GLY H 75 -27.03 -14.36 49.99
C GLY H 75 -25.96 -15.44 49.97
N VAL H 76 -25.29 -15.59 48.83
CA VAL H 76 -24.26 -16.61 48.65
C VAL H 76 -23.09 -16.43 49.62
N ARG H 77 -22.81 -17.48 50.39
CA ARG H 77 -21.69 -17.49 51.33
C ARG H 77 -20.80 -18.69 51.07
N GLY H 78 -19.61 -18.44 50.53
CA GLY H 78 -18.70 -19.53 50.19
C GLY H 78 -19.03 -20.14 48.84
N TYR H 79 -18.08 -20.90 48.30
CA TYR H 79 -18.21 -21.43 46.95
C TYR H 79 -17.69 -22.87 46.88
N PRO H 80 -18.46 -23.75 46.21
CA PRO H 80 -19.73 -23.46 45.55
C PRO H 80 -20.90 -23.40 46.52
N THR H 81 -21.96 -22.69 46.12
CA THR H 81 -23.20 -22.69 46.89
C THR H 81 -24.28 -23.40 46.07
N LEU H 82 -24.77 -24.51 46.60
CA LEU H 82 -25.76 -25.32 45.90
C LEU H 82 -27.13 -25.15 46.56
N LYS H 83 -28.04 -24.47 45.87
CA LYS H 83 -29.37 -24.23 46.41
C LYS H 83 -30.47 -24.79 45.52
N LEU H 84 -31.58 -25.20 46.14
CA LEU H 84 -32.74 -25.68 45.41
C LEU H 84 -33.90 -24.69 45.52
N PHE H 85 -34.46 -24.31 44.38
CA PHE H 85 -35.55 -23.36 44.36
C PHE H 85 -36.85 -24.04 43.94
N LYS H 86 -37.95 -23.68 44.60
CA LYS H 86 -39.27 -24.17 44.25
C LYS H 86 -40.23 -23.00 44.14
N PRO H 87 -40.92 -22.89 42.99
CA PRO H 87 -41.88 -21.81 42.74
C PRO H 87 -42.92 -21.67 43.84
N GLY H 88 -43.03 -20.46 44.39
CA GLY H 88 -44.00 -20.19 45.44
C GLY H 88 -43.49 -20.54 46.83
N GLN H 89 -42.39 -21.29 46.90
CA GLN H 89 -41.86 -21.73 48.18
C GLN H 89 -40.47 -21.13 48.45
N GLU H 90 -39.84 -21.59 49.52
CA GLU H 90 -38.56 -21.03 49.96
C GLU H 90 -37.40 -21.89 49.49
N ALA H 91 -36.28 -21.23 49.18
CA ALA H 91 -35.10 -21.93 48.68
C ALA H 91 -34.37 -22.65 49.80
N VAL H 92 -33.65 -23.71 49.45
CA VAL H 92 -32.93 -24.51 50.43
C VAL H 92 -31.50 -24.80 49.98
N LYS H 93 -30.53 -24.46 50.81
CA LYS H 93 -29.13 -24.70 50.52
C LYS H 93 -28.76 -26.13 50.89
N TYR H 94 -27.95 -26.79 50.06
CA TYR H 94 -27.54 -28.16 50.31
C TYR H 94 -26.16 -28.27 50.97
N GLN H 95 -26.15 -28.79 52.19
CA GLN H 95 -24.91 -29.12 52.88
C GLN H 95 -24.70 -30.63 52.75
N GLY H 96 -23.49 -31.05 52.38
CA GLY H 96 -23.20 -32.47 52.26
C GLY H 96 -22.22 -32.82 51.18
N PRO H 97 -21.97 -34.13 50.97
CA PRO H 97 -21.05 -34.65 49.96
C PRO H 97 -21.53 -34.34 48.55
N ARG H 98 -20.60 -34.20 47.60
CA ARG H 98 -20.94 -33.75 46.26
C ARG H 98 -20.74 -34.80 45.17
N ASP H 99 -20.73 -36.08 45.54
CA ASP H 99 -20.68 -37.13 44.54
C ASP H 99 -22.05 -37.22 43.87
N PHE H 100 -22.07 -37.67 42.62
CA PHE H 100 -23.28 -37.69 41.81
C PHE H 100 -24.45 -38.37 42.51
N GLN H 101 -24.19 -39.54 43.10
CA GLN H 101 -25.24 -40.35 43.69
C GLN H 101 -25.93 -39.67 44.88
N THR H 102 -25.12 -39.09 45.76
CA THR H 102 -25.66 -38.42 46.94
C THR H 102 -26.43 -37.16 46.56
N LEU H 103 -25.88 -36.39 45.63
CA LEU H 103 -26.55 -35.20 45.12
C LEU H 103 -27.90 -35.55 44.51
N GLU H 104 -27.92 -36.61 43.73
CA GLU H 104 -29.12 -37.05 43.02
C GLU H 104 -30.24 -37.45 43.98
N ASN H 105 -29.89 -38.13 45.06
CA ASN H 105 -30.89 -38.56 46.04
C ASN H 105 -31.47 -37.40 46.84
N TRP H 106 -30.63 -36.43 47.17
CA TRP H 106 -31.05 -35.28 47.95
C TRP H 106 -32.04 -34.43 47.16
N MET H 107 -31.77 -34.25 45.88
CA MET H 107 -32.58 -33.42 45.02
C MET H 107 -34.00 -33.97 44.89
N LEU H 108 -34.11 -35.28 44.70
CA LEU H 108 -35.40 -35.94 44.52
C LEU H 108 -36.15 -36.03 45.84
N GLN H 109 -35.43 -36.32 46.92
CA GLN H 109 -36.03 -36.37 48.25
C GLN H 109 -36.60 -35.01 48.64
N THR H 110 -35.91 -33.95 48.25
CA THR H 110 -36.31 -32.60 48.61
C THR H 110 -37.47 -32.10 47.74
N LEU H 111 -37.54 -32.58 46.51
CA LEU H 111 -38.64 -32.25 45.63
C LEU H 111 -39.95 -32.87 46.12
N ASN H 112 -39.85 -34.08 46.66
CA ASN H 112 -41.02 -34.86 47.03
C ASN H 112 -41.72 -34.36 48.30
N GLU H 113 -41.14 -33.37 48.96
CA GLU H 113 -41.71 -32.82 50.19
C GLU H 113 -43.12 -32.28 49.95
N HIS I 3 23.58 37.26 -65.31
CA HIS I 3 23.84 36.50 -64.09
C HIS I 3 23.81 35.00 -64.38
N MET I 4 24.51 34.60 -65.43
CA MET I 4 24.57 33.21 -65.84
C MET I 4 25.75 32.54 -65.15
N SER I 5 26.60 33.35 -64.55
CA SER I 5 27.85 32.90 -63.95
C SER I 5 27.64 32.34 -62.55
N LYS I 6 26.59 32.81 -61.88
CA LYS I 6 26.35 32.47 -60.47
C LYS I 6 25.99 31.00 -60.29
N HIS I 7 26.60 30.36 -59.30
CA HIS I 7 26.33 28.97 -58.93
C HIS I 7 26.64 27.98 -60.05
N LEU I 8 27.66 28.29 -60.84
CA LEU I 8 28.12 27.38 -61.88
C LEU I 8 29.03 26.31 -61.28
N TYR I 9 28.79 25.07 -61.67
CA TYR I 9 29.64 23.96 -61.25
C TYR I 9 30.51 23.48 -62.39
N THR I 10 31.72 23.06 -62.08
CA THR I 10 32.56 22.34 -63.03
C THR I 10 32.05 20.89 -63.05
N ALA I 11 32.46 20.12 -64.05
CA ALA I 11 32.04 18.72 -64.14
C ALA I 11 32.52 17.93 -62.93
N ASP I 12 33.70 18.27 -62.45
CA ASP I 12 34.27 17.63 -61.27
C ASP I 12 33.47 17.97 -60.01
N MET I 13 33.09 19.24 -59.88
CA MET I 13 32.29 19.70 -58.76
C MET I 13 30.94 18.97 -58.67
N PHE I 14 30.29 18.81 -59.81
CA PHE I 14 29.00 18.16 -59.88
C PHE I 14 29.11 16.67 -59.52
N THR I 15 30.09 15.99 -60.09
CA THR I 15 30.31 14.58 -59.86
C THR I 15 30.51 14.29 -58.38
N HIS I 16 31.43 15.00 -57.75
CA HIS I 16 31.70 14.82 -56.33
C HIS I 16 30.59 15.42 -55.45
N GLY I 17 30.00 16.52 -55.91
CA GLY I 17 28.99 17.23 -55.16
C GLY I 17 27.74 16.44 -54.86
N ILE I 18 27.22 15.71 -55.85
CA ILE I 18 25.99 14.97 -55.69
C ILE I 18 26.15 13.71 -54.81
N GLN I 19 27.40 13.36 -54.51
CA GLN I 19 27.68 12.21 -53.66
C GLN I 19 27.95 12.68 -52.23
N SER I 20 28.09 13.98 -52.05
CA SER I 20 28.39 14.55 -50.74
C SER I 20 27.18 15.22 -50.10
N ALA I 21 26.31 15.80 -50.92
CA ALA I 21 25.12 16.48 -50.40
C ALA I 21 24.02 16.56 -51.45
N ALA I 22 22.81 16.86 -51.00
CA ALA I 22 21.67 17.00 -51.90
C ALA I 22 21.85 18.22 -52.79
N HIS I 23 21.69 18.01 -54.10
CA HIS I 23 21.88 19.07 -55.08
C HIS I 23 20.70 19.19 -56.03
N PHE I 24 20.09 20.37 -56.09
CA PHE I 24 19.09 20.67 -57.10
C PHE I 24 19.80 21.35 -58.27
N VAL I 25 19.97 20.61 -59.37
CA VAL I 25 20.85 21.03 -60.45
C VAL I 25 20.10 21.43 -61.72
N MET I 26 20.45 22.60 -62.26
CA MET I 26 19.90 23.06 -63.53
C MET I 26 20.89 22.84 -64.66
N PHE I 27 20.54 21.96 -65.59
CA PHE I 27 21.33 21.75 -66.79
C PHE I 27 20.82 22.69 -67.88
N PHE I 28 21.69 23.55 -68.39
CA PHE I 28 21.26 24.61 -69.28
C PHE I 28 22.20 24.89 -70.44
N ALA I 29 21.80 25.84 -71.29
CA ALA I 29 22.64 26.34 -72.36
C ALA I 29 22.40 27.83 -72.52
N PRO I 30 23.46 28.60 -72.81
CA PRO I 30 23.37 30.04 -73.00
C PRO I 30 22.37 30.46 -74.07
N TRP I 31 22.21 29.66 -75.12
CA TRP I 31 21.33 30.03 -76.22
C TRP I 31 19.84 29.72 -76.01
N CYS I 32 19.53 29.03 -74.92
CA CYS I 32 18.14 28.66 -74.65
C CYS I 32 17.36 29.81 -74.04
N GLY I 33 16.25 30.17 -74.67
CA GLY I 33 15.43 31.28 -74.22
C GLY I 33 14.80 31.09 -72.86
N HIS I 34 14.35 29.87 -72.58
CA HIS I 34 13.71 29.56 -71.30
C HIS I 34 14.74 29.44 -70.16
N CYS I 35 15.96 29.04 -70.50
CA CYS I 35 17.03 28.97 -69.52
C CYS I 35 17.39 30.36 -69.01
N GLN I 36 17.35 31.34 -69.91
CA GLN I 36 17.69 32.72 -69.55
C GLN I 36 16.65 33.30 -68.61
N ARG I 37 15.38 32.98 -68.84
CA ARG I 37 14.29 33.48 -68.03
C ARG I 37 14.22 32.80 -66.65
N LEU I 38 15.00 31.73 -66.48
CA LEU I 38 15.01 30.99 -65.22
C LEU I 38 16.17 31.41 -64.32
N GLN I 39 17.17 32.05 -64.93
CA GLN I 39 18.38 32.45 -64.21
C GLN I 39 18.15 33.28 -62.93
N PRO I 40 17.29 34.33 -62.98
CA PRO I 40 17.07 35.09 -61.74
C PRO I 40 16.45 34.27 -60.61
N THR I 41 15.48 33.42 -60.94
CA THR I 41 14.82 32.59 -59.94
C THR I 41 15.79 31.57 -59.34
N TRP I 42 16.57 30.94 -60.20
CA TRP I 42 17.52 29.91 -59.76
C TRP I 42 18.64 30.53 -58.93
N ASN I 43 18.99 31.77 -59.26
CA ASN I 43 20.01 32.48 -58.49
C ASN I 43 19.52 32.85 -57.08
N ASP I 44 18.26 33.21 -56.97
CA ASP I 44 17.68 33.53 -55.68
C ASP I 44 17.61 32.31 -54.78
N LEU I 45 17.38 31.14 -55.38
CA LEU I 45 17.39 29.88 -54.64
C LEU I 45 18.80 29.59 -54.13
N GLY I 46 19.77 29.66 -55.03
CA GLY I 46 21.16 29.42 -54.68
C GLY I 46 21.66 30.37 -53.61
N ASP I 47 21.41 31.66 -53.79
CA ASP I 47 21.79 32.67 -52.82
C ASP I 47 21.19 32.36 -51.45
N LYS I 48 19.95 31.90 -51.44
CA LYS I 48 19.25 31.61 -50.19
C LYS I 48 19.80 30.38 -49.48
N TYR I 49 20.11 29.35 -50.24
CA TYR I 49 20.43 28.03 -49.67
C TYR I 49 21.91 27.69 -49.56
N ASN I 50 22.69 28.07 -50.57
CA ASN I 50 24.10 27.65 -50.65
C ASN I 50 25.00 28.24 -49.57
N SER I 51 24.54 29.30 -48.91
CA SER I 51 25.35 29.99 -47.91
C SER I 51 24.95 29.57 -46.49
N MET I 52 23.93 28.72 -46.38
CA MET I 52 23.44 28.29 -45.08
C MET I 52 24.45 27.44 -44.33
N GLU I 53 24.47 27.59 -43.01
CA GLU I 53 25.33 26.78 -42.15
C GLU I 53 24.81 25.35 -42.08
N ASP I 54 25.69 24.39 -42.33
CA ASP I 54 25.32 22.97 -42.36
C ASP I 54 24.16 22.73 -43.32
N ALA I 55 24.37 23.12 -44.58
CA ALA I 55 23.33 23.05 -45.60
C ALA I 55 22.81 21.64 -45.84
N LYS I 56 21.49 21.50 -45.89
CA LYS I 56 20.87 20.22 -46.16
C LYS I 56 20.68 20.02 -47.66
N VAL I 57 20.88 21.10 -48.42
CA VAL I 57 20.75 21.05 -49.88
C VAL I 57 21.57 22.17 -50.52
N TYR I 58 22.01 21.93 -51.76
CA TYR I 58 22.70 22.96 -52.54
C TYR I 58 22.04 23.15 -53.90
N VAL I 59 22.14 24.36 -54.43
CA VAL I 59 21.52 24.69 -55.71
C VAL I 59 22.58 25.13 -56.71
N ALA I 60 22.67 24.42 -57.83
CA ALA I 60 23.75 24.63 -58.78
C ALA I 60 23.32 24.57 -60.23
N LYS I 61 24.23 24.93 -61.12
CA LYS I 61 23.98 24.87 -62.55
C LYS I 61 25.10 24.09 -63.24
N VAL I 62 24.76 23.48 -64.38
CA VAL I 62 25.76 22.90 -65.26
C VAL I 62 25.58 23.46 -66.68
N ASP I 63 26.63 24.07 -67.21
CA ASP I 63 26.59 24.57 -68.57
C ASP I 63 26.88 23.41 -69.52
N CYS I 64 25.88 23.03 -70.30
CA CYS I 64 26.01 21.89 -71.21
C CYS I 64 27.00 22.14 -72.34
N THR I 65 27.18 23.40 -72.71
CA THR I 65 28.16 23.76 -73.73
C THR I 65 29.56 23.64 -73.15
N ALA I 66 29.65 23.72 -71.83
CA ALA I 66 30.92 23.55 -71.14
C ALA I 66 31.20 22.07 -70.89
N HIS I 67 30.16 21.31 -70.55
CA HIS I 67 30.31 19.89 -70.22
C HIS I 67 29.27 19.01 -70.88
N SER I 68 29.40 18.81 -72.18
CA SER I 68 28.49 17.95 -72.94
C SER I 68 28.47 16.54 -72.38
N ASP I 69 29.61 16.07 -71.88
CA ASP I 69 29.73 14.73 -71.33
C ASP I 69 28.81 14.51 -70.12
N VAL I 70 28.70 15.52 -69.26
CA VAL I 70 27.85 15.43 -68.07
C VAL I 70 26.37 15.38 -68.44
N CYS I 71 25.96 16.27 -69.34
CA CYS I 71 24.57 16.32 -69.77
C CYS I 71 24.19 15.06 -70.55
N SER I 72 25.15 14.51 -71.29
CA SER I 72 24.94 13.26 -72.01
C SER I 72 24.75 12.12 -71.01
N ALA I 73 25.60 12.09 -69.99
CA ALA I 73 25.53 11.06 -68.96
C ALA I 73 24.25 11.17 -68.12
N GLN I 74 23.69 12.37 -68.04
CA GLN I 74 22.48 12.61 -67.25
C GLN I 74 21.22 12.57 -68.11
N GLY I 75 21.38 12.14 -69.36
CA GLY I 75 20.25 11.97 -70.27
C GLY I 75 19.40 13.22 -70.48
N VAL I 76 20.05 14.38 -70.53
CA VAL I 76 19.36 15.65 -70.72
C VAL I 76 18.60 15.70 -72.04
N ARG I 77 17.31 16.00 -71.97
CA ARG I 77 16.47 16.16 -73.15
C ARG I 77 15.64 17.43 -73.04
N GLY I 78 16.05 18.47 -73.75
CA GLY I 78 15.40 19.76 -73.66
C GLY I 78 16.03 20.60 -72.57
N TYR I 79 15.87 21.91 -72.67
CA TYR I 79 16.52 22.84 -71.75
C TYR I 79 15.55 23.90 -71.26
N PRO I 80 15.58 24.20 -69.95
CA PRO I 80 16.52 23.62 -68.98
C PRO I 80 16.05 22.27 -68.45
N THR I 81 16.99 21.47 -67.95
CA THR I 81 16.65 20.21 -67.30
C THR I 81 16.92 20.33 -65.80
N LEU I 82 15.86 20.22 -65.01
CA LEU I 82 15.95 20.38 -63.56
C LEU I 82 15.94 19.03 -62.87
N LYS I 83 16.98 18.76 -62.09
CA LYS I 83 17.10 17.48 -61.40
C LYS I 83 17.53 17.64 -59.94
N LEU I 84 16.86 16.89 -59.06
CA LEU I 84 17.25 16.84 -57.66
C LEU I 84 18.05 15.56 -57.39
N PHE I 85 19.29 15.73 -56.96
CA PHE I 85 20.14 14.60 -56.63
C PHE I 85 20.22 14.43 -55.12
N LYS I 86 20.19 13.18 -54.67
CA LYS I 86 20.32 12.88 -53.25
C LYS I 86 21.18 11.63 -53.05
N PRO I 87 22.21 11.74 -52.18
CA PRO I 87 23.11 10.63 -51.87
C PRO I 87 22.37 9.40 -51.38
N GLY I 88 22.60 8.27 -52.03
CA GLY I 88 21.98 7.01 -51.66
C GLY I 88 20.65 6.77 -52.36
N GLN I 89 20.20 7.76 -53.12
CA GLN I 89 18.89 7.70 -53.75
C GLN I 89 18.93 8.05 -55.23
N GLU I 90 17.85 7.71 -55.95
CA GLU I 90 17.75 8.01 -57.36
C GLU I 90 17.47 9.49 -57.61
N ALA I 91 18.12 10.04 -58.63
CA ALA I 91 17.88 11.42 -59.02
C ALA I 91 16.44 11.59 -59.49
N VAL I 92 15.84 12.74 -59.19
CA VAL I 92 14.45 12.99 -59.53
C VAL I 92 14.31 14.21 -60.45
N LYS I 93 13.81 13.98 -61.66
CA LYS I 93 13.59 15.06 -62.61
C LYS I 93 12.36 15.87 -62.20
N TYR I 94 12.47 17.19 -62.32
CA TYR I 94 11.35 18.07 -61.98
C TYR I 94 10.62 18.56 -63.22
N GLN I 95 9.30 18.45 -63.21
CA GLN I 95 8.46 18.93 -64.31
C GLN I 95 7.22 19.64 -63.78
N GLY I 96 7.30 20.97 -63.68
CA GLY I 96 6.21 21.78 -63.19
C GLY I 96 6.47 23.27 -63.32
N PRO I 97 5.67 24.09 -62.64
CA PRO I 97 5.85 25.55 -62.65
C PRO I 97 7.22 25.93 -62.12
N ARG I 98 7.79 27.02 -62.60
CA ARG I 98 9.15 27.40 -62.25
C ARG I 98 9.28 28.75 -61.54
N ASP I 99 8.30 29.07 -60.70
CA ASP I 99 8.41 30.26 -59.86
C ASP I 99 9.09 29.88 -58.56
N PHE I 100 9.60 30.88 -57.83
CA PHE I 100 10.38 30.65 -56.62
C PHE I 100 9.62 29.80 -55.61
N GLN I 101 8.37 30.14 -55.38
CA GLN I 101 7.58 29.45 -54.36
C GLN I 101 7.30 28.01 -54.76
N THR I 102 6.97 27.77 -56.02
CA THR I 102 6.71 26.42 -56.51
C THR I 102 7.98 25.56 -56.46
N LEU I 103 9.08 26.11 -56.96
CA LEU I 103 10.37 25.40 -56.99
C LEU I 103 10.85 25.05 -55.59
N GLU I 104 10.80 26.04 -54.69
CA GLU I 104 11.29 25.87 -53.33
C GLU I 104 10.48 24.83 -52.56
N ASN I 105 9.15 24.88 -52.68
CA ASN I 105 8.27 23.96 -51.98
C ASN I 105 8.47 22.50 -52.40
N TRP I 106 8.61 22.29 -53.71
CA TRP I 106 8.86 20.95 -54.22
C TRP I 106 10.19 20.40 -53.73
N MET I 107 11.21 21.25 -53.74
CA MET I 107 12.54 20.85 -53.32
C MET I 107 12.56 20.42 -51.86
N LEU I 108 11.99 21.24 -50.98
CA LEU I 108 11.94 20.93 -49.56
C LEU I 108 11.18 19.63 -49.30
N GLN I 109 10.12 19.42 -50.08
CA GLN I 109 9.30 18.22 -49.93
C GLN I 109 10.07 16.96 -50.31
N THR I 110 10.61 16.95 -51.52
CA THR I 110 11.29 15.78 -52.08
C THR I 110 12.53 15.40 -51.26
N LEU I 111 13.11 16.38 -50.57
CA LEU I 111 14.26 16.13 -49.71
C LEU I 111 13.95 15.11 -48.62
N ASN I 112 12.72 15.15 -48.10
CA ASN I 112 12.29 14.22 -47.06
C ASN I 112 11.67 12.93 -47.60
N GLU I 113 11.65 12.79 -48.92
CA GLU I 113 11.13 11.58 -49.55
C GLU I 113 12.28 10.68 -50.00
P PO4 J . 19.76 20.70 -6.68
O1 PO4 J . 19.65 22.17 -6.38
O2 PO4 J . 19.32 20.42 -8.10
O3 PO4 J . 21.20 20.26 -6.53
O4 PO4 J . 18.87 19.92 -5.74
P PO4 K . 25.34 8.36 -20.88
O1 PO4 K . 26.48 8.96 -20.11
O2 PO4 K . 25.00 9.29 -22.01
O3 PO4 K . 25.71 7.00 -21.41
O4 PO4 K . 24.15 8.21 -19.97
P PO4 L . -4.00 12.97 -11.78
O1 PO4 L . -4.97 13.68 -10.87
O2 PO4 L . -4.78 12.23 -12.84
O3 PO4 L . -3.10 13.98 -12.45
O4 PO4 L . -3.17 11.99 -10.99
P PO4 M . 10.51 31.63 -26.59
O1 PO4 M . 9.78 32.68 -25.80
O2 PO4 M . 10.35 31.89 -28.07
O3 PO4 M . 11.98 31.66 -26.23
O4 PO4 M . 9.95 30.26 -26.26
C1 GOL N . 20.05 3.74 -20.52
O1 GOL N . 19.59 2.43 -20.27
C2 GOL N . 20.18 4.47 -19.18
O2 GOL N . 21.09 5.54 -19.32
C3 GOL N . 18.82 5.02 -18.80
O3 GOL N . 18.86 5.50 -17.47
C1 GOL O . 14.43 25.15 -3.76
O1 GOL O . 13.29 24.35 -3.59
C2 GOL O . 14.01 26.60 -4.02
O2 GOL O . 13.72 27.25 -2.80
C3 GOL O . 15.14 27.33 -4.74
O3 GOL O . 15.25 26.86 -6.06
C1 GOL P . 1.13 17.76 -11.86
O1 GOL P . 1.79 18.53 -12.85
C2 GOL P . 1.44 18.30 -10.48
O2 GOL P . 1.10 19.66 -10.39
C3 GOL P . 0.65 17.50 -9.45
O3 GOL P . 1.00 17.93 -8.14
P PO4 Q . 18.39 -18.82 11.25
O1 PO4 Q . 19.56 -18.13 11.92
O2 PO4 Q . 17.83 -17.91 10.18
O3 PO4 Q . 18.88 -20.10 10.63
O4 PO4 Q . 17.33 -19.12 12.27
C1 GOL R . 12.85 -9.73 -4.51
O1 GOL R . 13.56 -10.88 -4.89
C2 GOL R . 11.73 -10.12 -3.54
O2 GOL R . 11.90 -9.44 -2.32
C3 GOL R . 10.36 -9.77 -4.14
O3 GOL R . 10.14 -8.38 -4.03
C1 GOL S . 13.73 -23.66 11.64
O1 GOL S . 12.71 -24.60 11.92
C2 GOL S . 13.72 -22.56 12.69
O2 GOL S . 15.04 -22.15 12.98
C3 GOL S . 13.07 -23.08 13.96
O3 GOL S . 12.13 -22.15 14.44
P PO4 T . -27.95 10.71 -17.03
O1 PO4 T . -27.88 12.16 -16.66
O2 PO4 T . -28.35 10.57 -18.49
O3 PO4 T . -26.60 10.06 -16.82
O4 PO4 T . -28.99 10.02 -16.17
P PO4 U . -30.38 2.62 4.84
O1 PO4 U . -31.12 2.68 6.16
O2 PO4 U . -31.03 3.56 3.85
O3 PO4 U . -28.94 3.03 5.05
O4 PO4 U . -30.43 1.21 4.30
C1 GOL V . -30.49 9.68 -10.78
O1 GOL V . -30.64 9.43 -9.39
C2 GOL V . -30.84 8.43 -11.58
O2 GOL V . -29.87 8.20 -12.58
C3 GOL V . -30.92 7.23 -10.64
O3 GOL V . -31.32 6.09 -11.38
K K W . -24.21 7.62 -5.63
K K X . -6.84 -7.16 -17.23
P PO4 Y . -20.06 38.08 -49.50
O1 PO4 Y . -20.10 39.42 -48.82
O2 PO4 Y . -20.02 38.28 -51.00
O3 PO4 Y . -18.83 37.32 -49.08
O4 PO4 Y . -21.30 37.28 -49.15
P PO4 Z . -20.59 11.90 -55.63
O1 PO4 Z . -21.76 12.82 -55.41
O2 PO4 Z . -21.07 10.66 -56.35
O3 PO4 Z . -19.55 12.60 -56.47
O4 PO4 Z . -20.00 11.51 -54.30
P PO4 AA . 12.60 -7.26 26.09
O1 PO4 AA . 11.68 -6.18 26.60
O2 PO4 AA . 12.48 -7.37 24.59
O3 PO4 AA . 14.04 -6.91 26.45
O4 PO4 AA . 12.23 -8.57 26.73
C1 GOL BA . 19.03 -12.00 24.28
O1 GOL BA . 19.13 -11.18 25.42
C2 GOL BA . 17.80 -11.61 23.45
O2 GOL BA . 18.07 -11.76 22.08
C3 GOL BA . 17.41 -10.18 23.76
O3 GOL BA . 16.91 -10.10 25.08
K K CA . 10.30 -11.79 23.50
C1 GOL DA . 24.38 15.77 -9.20
O1 GOL DA . 25.32 15.03 -9.95
C2 GOL DA . 25.12 16.64 -8.20
O2 GOL DA . 24.32 17.76 -7.90
C3 GOL DA . 25.35 15.85 -6.93
O3 GOL DA . 26.60 16.19 -6.39
K K EA . 18.58 5.19 -6.40
P PO4 FA . -14.76 14.43 36.75
O1 PO4 FA . -14.21 14.79 38.11
O2 PO4 FA . -16.02 15.23 36.49
O3 PO4 FA . -13.74 14.74 35.69
O4 PO4 FA . -15.09 12.96 36.72
P PO4 GA . -22.16 -9.69 49.99
O1 PO4 GA . -22.31 -8.32 49.36
O2 PO4 GA . -23.13 -10.63 49.31
O3 PO4 GA . -20.75 -10.20 49.83
O4 PO4 GA . -22.50 -9.61 51.46
C1 GOL HA . -22.08 -6.84 43.78
O1 GOL HA . -23.06 -6.71 42.77
C2 GOL HA . -22.14 -5.62 44.70
O2 GOL HA . -22.21 -6.06 46.04
C3 GOL HA . -20.89 -4.78 44.48
O3 GOL HA . -21.13 -3.44 44.82
P PO4 IA . -27.84 -11.08 31.44
O1 PO4 IA . -27.42 -9.89 32.27
O2 PO4 IA . -27.76 -10.73 29.97
O3 PO4 IA . -26.89 -12.22 31.70
O4 PO4 IA . -29.25 -11.48 31.80
C1 GOL JA . -22.26 -16.03 30.91
O1 GOL JA . -22.38 -16.37 32.27
C2 GOL JA . -23.62 -16.13 30.23
O2 GOL JA . -23.76 -17.39 29.60
C3 GOL JA . -24.71 -15.98 31.28
O3 GOL JA . -24.74 -14.65 31.74
P PO4 KA . 14.94 5.69 -53.71
O1 PO4 KA . 15.75 6.06 -54.94
O2 PO4 KA . 13.72 4.92 -54.14
O3 PO4 KA . 15.79 4.85 -52.79
O4 PO4 KA . 14.52 6.95 -52.98
P PO4 LA . 36.28 20.31 -65.21
O1 PO4 LA . 35.57 19.87 -63.95
O2 PO4 LA . 35.33 21.12 -66.06
O3 PO4 LA . 37.49 21.13 -64.87
O4 PO4 LA . 36.71 19.09 -65.98
C1 GOL MA . 33.39 25.00 -65.61
O1 GOL MA . 34.51 24.89 -66.47
C2 GOL MA . 32.56 26.21 -66.00
O2 GOL MA . 31.22 25.82 -66.22
C3 GOL MA . 32.60 27.21 -64.85
O3 GOL MA . 33.95 27.47 -64.53
K K NA . 38.13 13.39 -59.58
#